data_3MC6
#
_entry.id   3MC6
#
_cell.length_a   151.100
_cell.length_b   156.860
_cell.length_c   201.590
_cell.angle_alpha   90.000
_cell.angle_beta   90.000
_cell.angle_gamma   90.000
#
_symmetry.space_group_name_H-M   'F 2 2 2'
#
loop_
_entity.id
_entity.type
_entity.pdbx_description
1 polymer 'Sphingosine-1-phosphate lyase'
2 polymer 'Sphingosine-1-phosphate lyase'
3 non-polymer 'PHOSPHATE ION'
4 water water
#
loop_
_entity_poly.entity_id
_entity_poly.type
_entity_poly.pdbx_seq_one_letter_code
_entity_poly.pdbx_strand_id
1 'polypeptide(L)'
;MGSPFLRGTVEKEVTKVKQSIEDELIRSDSQLMNFPQLPSNGIPQDDVIEELNKLNDLIPHTQWKEGKVSGAVYHGGDDL
IHLQTIAYEKYCVANQLHPDVFPAVRKMESEVVSMVLRMFNAPSDTGCGTTTSGGTESLLLACLSAKMYALHHRGITEPE
IIAPVTAHAGFDKAAYYFGMKLRHVELDPTTYQVDLGKVKKFINKNTVLLVGSAPNFPHGIADDIEGLGKIAQKYKLPLH
VDSCLGSFIVSFMEKAGYKNLPLLDFRVPGVTSISCDTH(LLP)YGFAPKGSSVIMYRNSDLRMHQYYVNPAWTGGLYGS
PTLAGSRPGAIVVGCWATMVNMGENGYIESCQEIVGAAMKFKKYIQENIPDLDIMGNPRYSVISFSSKTLNIHELSDRLS
KKGWHFNALQKPVALHMAFTRLSAHVVDEICDILRTTVQELKSESNSKPSPDGTSALYGVAGSVKTAGVADKLIVGFLDA
LYKLGPGEDTATKLEHHHHHH
;
A
2 'polypeptide(L)'
;MGSPFLRGTVEKEVTKVKQSIEDELIRSDSQLMNFPQLPSNGIPQDDVIEELNKLNDLIPHTQWKEGKVSGAVYHGGDDL
IHLQTIAYEKYCVANQLHPDVFPAVRKMESEVVSMVLRMFNAPSDTGCGTTTSGGTESLLLACLSAKMYALHHRGITEPE
IIAPVTAHAGFDKAAYYFGMKLRHVELDPTTYQVDLGKVKKFINKNTVLLVGSAPNFPHGIADDIEGLGKIAQKYKLPLH
VDSCLGSFIVSFMEKAGYKNLPLLDFRVPGVTSISCDTHKYGFAPKGSSVIMYRNSDLRMHQYYVNPAWTGGLYGSPTLA
GSRPGAIVVGCWATMVNMGENGYIESCQEIVGAAMKFKKYIQENIPDLDIMGNPRYSVISFSSKTLNIHELSDRLSKKGW
HFNALQKPVALHMAFTRLSAHVVDEICDILRTTVQELKSESNSKPSPDGTSALYGVAGSVKTAGVADKLIVGFLDALYKL
GPGEDTATKLEHHHHHH
;
C
#
loop_
_chem_comp.id
_chem_comp.type
_chem_comp.name
_chem_comp.formula
PO4 non-polymer 'PHOSPHATE ION' 'O4 P -3'
#
# COMPACT_ATOMS: atom_id res chain seq x y z
N GLN A 31 23.66 -12.64 17.21
CA GLN A 31 24.47 -11.50 16.82
C GLN A 31 25.34 -11.81 15.59
N LEU A 32 25.58 -10.79 14.78
CA LEU A 32 26.38 -10.96 13.58
C LEU A 32 27.87 -10.72 13.84
N MET A 33 28.72 -11.46 13.14
CA MET A 33 30.16 -11.36 13.33
C MET A 33 30.76 -10.32 12.38
N ASN A 34 31.61 -9.45 12.94
CA ASN A 34 32.30 -8.46 12.13
C ASN A 34 33.76 -8.85 11.88
N PHE A 35 34.36 -8.27 10.86
CA PHE A 35 35.72 -8.63 10.48
C PHE A 35 36.60 -7.40 10.26
N PRO A 36 37.40 -7.04 11.27
CA PRO A 36 38.38 -5.96 11.14
C PRO A 36 39.45 -6.34 10.12
N GLN A 37 39.64 -7.63 9.90
CA GLN A 37 40.64 -8.12 8.96
C GLN A 37 40.35 -9.56 8.54
N LEU A 38 41.06 -10.04 7.53
CA LEU A 38 40.86 -11.39 7.01
C LEU A 38 40.95 -12.45 8.09
N PRO A 39 40.02 -13.41 8.07
CA PRO A 39 39.98 -14.53 9.02
C PRO A 39 41.22 -15.40 8.90
N SER A 40 41.58 -16.09 9.98
CA SER A 40 42.67 -17.04 9.94
C SER A 40 42.41 -18.06 8.84
N ASN A 41 41.26 -18.70 8.91
CA ASN A 41 40.85 -19.65 7.89
C ASN A 41 39.56 -19.18 7.21
N GLY A 42 39.50 -19.34 5.89
CA GLY A 42 38.32 -18.96 5.13
C GLY A 42 37.10 -19.73 5.58
N ILE A 43 36.00 -19.01 5.83
CA ILE A 43 34.78 -19.64 6.27
C ILE A 43 34.00 -20.21 5.08
N PRO A 44 33.40 -21.40 5.26
CA PRO A 44 32.66 -22.07 4.19
C PRO A 44 31.62 -21.15 3.58
N GLN A 45 31.25 -21.40 2.32
CA GLN A 45 30.23 -20.62 1.66
C GLN A 45 28.95 -20.61 2.49
N ASP A 46 28.66 -21.74 3.12
CA ASP A 46 27.45 -21.89 3.92
C ASP A 46 27.43 -20.93 5.11
N ASP A 47 28.57 -20.80 5.78
CA ASP A 47 28.67 -19.90 6.93
C ASP A 47 28.64 -18.45 6.47
N VAL A 48 28.73 -18.24 5.16
CA VAL A 48 28.72 -16.89 4.60
C VAL A 48 27.31 -16.40 4.32
N ILE A 49 26.57 -17.16 3.52
CA ILE A 49 25.21 -16.75 3.15
C ILE A 49 24.32 -16.66 4.40
N GLU A 50 24.66 -17.44 5.41
CA GLU A 50 23.97 -17.36 6.70
C GLU A 50 24.18 -15.96 7.26
N GLU A 51 25.42 -15.49 7.19
CA GLU A 51 25.77 -14.16 7.65
C GLU A 51 25.19 -13.09 6.72
N LEU A 52 25.13 -13.41 5.43
CA LEU A 52 24.53 -12.50 4.46
C LEU A 52 23.06 -12.27 4.77
N ASN A 53 22.45 -13.25 5.44
CA ASN A 53 21.06 -13.13 5.86
C ASN A 53 20.94 -12.52 7.25
N LYS A 54 21.82 -12.94 8.16
CA LYS A 54 21.86 -12.35 9.49
C LYS A 54 21.95 -10.84 9.38
N LEU A 55 22.67 -10.37 8.36
CA LEU A 55 22.83 -8.95 8.11
C LEU A 55 21.50 -8.30 7.72
N ASN A 56 20.82 -8.89 6.74
CA ASN A 56 19.51 -8.38 6.32
C ASN A 56 18.49 -8.46 7.45
N ASP A 57 18.46 -9.59 8.14
CA ASP A 57 17.49 -9.84 9.19
C ASP A 57 17.70 -8.95 10.41
N LEU A 58 18.95 -8.86 10.86
CA LEU A 58 19.27 -8.14 12.08
C LEU A 58 19.27 -6.63 11.92
N ILE A 59 20.43 -6.07 11.54
CA ILE A 59 20.57 -4.62 11.45
C ILE A 59 19.45 -3.97 10.64
N PRO A 60 18.56 -3.24 11.33
CA PRO A 60 17.37 -2.60 10.77
C PRO A 60 17.70 -1.59 9.68
N HIS A 61 16.70 -1.25 8.87
CA HIS A 61 16.89 -0.34 7.76
C HIS A 61 15.54 0.20 7.28
N THR A 62 15.58 1.14 6.35
CA THR A 62 14.38 1.70 5.75
C THR A 62 13.67 0.67 4.88
N GLN A 63 12.38 0.49 5.11
CA GLN A 63 11.61 -0.52 4.39
C GLN A 63 11.22 -0.06 2.99
N TRP A 64 12.13 -0.25 2.04
CA TRP A 64 11.88 0.09 0.64
C TRP A 64 10.89 -0.88 0.02
N LYS A 65 10.93 -2.13 0.47
CA LYS A 65 10.03 -3.17 -0.02
C LYS A 65 8.57 -2.78 0.18
N GLU A 66 8.33 -1.89 1.13
CA GLU A 66 6.97 -1.45 1.43
C GLU A 66 6.66 -0.10 0.78
N GLY A 67 7.47 0.26 -0.20
CA GLY A 67 7.28 1.50 -0.93
C GLY A 67 7.29 2.73 -0.04
N LYS A 68 8.32 2.85 0.79
CA LYS A 68 8.45 3.98 1.70
C LYS A 68 9.63 4.87 1.35
N VAL A 69 10.27 4.59 0.22
CA VAL A 69 11.43 5.36 -0.21
C VAL A 69 11.23 5.98 -1.59
N SER A 70 11.49 7.28 -1.69
CA SER A 70 11.38 7.99 -2.95
C SER A 70 12.67 7.87 -3.76
N GLY A 71 12.82 6.75 -4.44
CA GLY A 71 14.02 6.48 -5.22
C GLY A 71 14.67 5.19 -4.78
N ALA A 72 16.01 5.15 -4.84
CA ALA A 72 16.77 3.97 -4.43
C ALA A 72 16.35 2.73 -5.23
N VAL A 73 15.42 1.97 -4.69
CA VAL A 73 14.87 0.80 -5.38
C VAL A 73 13.69 1.22 -6.26
N TYR A 74 13.76 0.87 -7.53
CA TYR A 74 12.73 1.28 -8.48
C TYR A 74 11.77 0.16 -8.88
N HIS A 75 12.18 -1.09 -8.64
CA HIS A 75 11.31 -2.22 -8.94
C HIS A 75 11.15 -3.12 -7.72
N GLY A 76 12.17 -3.94 -7.46
CA GLY A 76 12.16 -4.80 -6.28
C GLY A 76 11.52 -6.16 -6.48
N GLY A 77 11.04 -6.40 -7.70
CA GLY A 77 10.38 -7.66 -8.00
C GLY A 77 11.28 -8.87 -7.82
N ASP A 78 10.89 -9.76 -6.91
CA ASP A 78 11.66 -10.96 -6.64
C ASP A 78 11.97 -11.72 -7.92
N ASP A 79 10.99 -11.78 -8.82
CA ASP A 79 11.16 -12.49 -10.08
C ASP A 79 12.19 -11.83 -10.98
N LEU A 80 12.09 -10.51 -11.14
CA LEU A 80 13.02 -9.77 -11.97
C LEU A 80 14.45 -9.94 -11.45
N ILE A 81 14.63 -9.71 -10.16
CA ILE A 81 15.93 -9.87 -9.53
C ILE A 81 16.54 -11.21 -9.88
N HIS A 82 15.75 -12.27 -9.80
CA HIS A 82 16.22 -13.61 -10.07
C HIS A 82 16.80 -13.73 -11.48
N LEU A 83 16.16 -13.06 -12.44
CA LEU A 83 16.64 -13.06 -13.81
C LEU A 83 18.07 -12.51 -13.84
N GLN A 84 18.20 -11.23 -13.52
CA GLN A 84 19.49 -10.55 -13.55
C GLN A 84 20.50 -11.19 -12.60
N THR A 85 20.02 -12.09 -11.75
CA THR A 85 20.90 -12.82 -10.84
C THR A 85 21.57 -13.99 -11.57
N ILE A 86 20.77 -14.78 -12.28
CA ILE A 86 21.32 -15.91 -13.04
C ILE A 86 22.10 -15.39 -14.25
N ALA A 87 21.65 -14.27 -14.81
CA ALA A 87 22.38 -13.61 -15.89
C ALA A 87 23.74 -13.16 -15.37
N TYR A 88 23.76 -12.67 -14.14
CA TYR A 88 25.00 -12.30 -13.49
C TYR A 88 25.95 -13.48 -13.44
N GLU A 89 25.41 -14.64 -13.06
CA GLU A 89 26.20 -15.86 -12.93
C GLU A 89 26.80 -16.29 -14.26
N LYS A 90 26.02 -16.16 -15.33
CA LYS A 90 26.47 -16.52 -16.67
C LYS A 90 27.65 -15.66 -17.08
N TYR A 91 27.58 -14.38 -16.76
CA TYR A 91 28.60 -13.43 -17.20
C TYR A 91 29.27 -12.75 -16.01
N CYS A 92 29.54 -13.53 -14.97
CA CYS A 92 30.14 -13.00 -13.75
C CYS A 92 31.55 -12.47 -14.00
N VAL A 93 32.31 -13.17 -14.84
CA VAL A 93 33.69 -12.81 -15.12
C VAL A 93 33.81 -11.74 -16.20
N ALA A 94 32.72 -11.54 -16.94
CA ALA A 94 32.71 -10.63 -18.07
C ALA A 94 33.37 -9.28 -17.76
N ASN A 95 34.24 -8.85 -18.66
CA ASN A 95 34.93 -7.57 -18.55
C ASN A 95 34.99 -6.89 -19.90
N GLN A 96 34.30 -5.76 -20.02
CA GLN A 96 34.17 -5.06 -21.30
C GLN A 96 35.52 -4.57 -21.84
N LEU A 97 36.56 -4.66 -21.01
CA LEU A 97 37.90 -4.30 -21.43
C LEU A 97 38.41 -5.26 -22.50
N HIS A 98 37.82 -6.43 -22.57
CA HIS A 98 38.30 -7.48 -23.46
C HIS A 98 37.16 -8.04 -24.31
N PRO A 99 36.81 -7.35 -25.40
CA PRO A 99 35.76 -7.77 -26.33
C PRO A 99 36.12 -9.08 -27.01
N ASP A 100 37.41 -9.28 -27.28
CA ASP A 100 37.87 -10.50 -27.92
C ASP A 100 37.64 -11.72 -27.05
N VAL A 101 37.54 -11.49 -25.74
CA VAL A 101 37.33 -12.57 -24.79
C VAL A 101 35.84 -12.70 -24.44
N PHE A 102 35.16 -11.56 -24.39
CA PHE A 102 33.73 -11.55 -24.09
C PHE A 102 32.95 -10.83 -25.18
N PRO A 103 32.76 -11.49 -26.33
CA PRO A 103 32.08 -10.92 -27.50
C PRO A 103 30.58 -10.73 -27.27
N ALA A 104 29.95 -11.69 -26.61
CA ALA A 104 28.51 -11.61 -26.35
C ALA A 104 28.17 -10.31 -25.62
N VAL A 105 29.03 -9.93 -24.66
CA VAL A 105 28.84 -8.69 -23.92
C VAL A 105 28.92 -7.50 -24.86
N ARG A 106 29.84 -7.57 -25.83
CA ARG A 106 29.95 -6.53 -26.83
C ARG A 106 28.65 -6.44 -27.62
N LYS A 107 28.18 -7.59 -28.08
CA LYS A 107 26.95 -7.66 -28.87
C LYS A 107 25.75 -7.15 -28.09
N MET A 108 25.73 -7.40 -26.78
CA MET A 108 24.61 -7.00 -25.94
C MET A 108 24.61 -5.52 -25.62
N GLU A 109 25.80 -4.91 -25.58
CA GLU A 109 25.90 -3.46 -25.39
C GLU A 109 25.44 -2.71 -26.62
N SER A 110 25.92 -3.15 -27.78
CA SER A 110 25.54 -2.54 -29.04
C SER A 110 24.02 -2.57 -29.21
N GLU A 111 23.38 -3.58 -28.62
CA GLU A 111 21.94 -3.72 -28.68
C GLU A 111 21.25 -2.77 -27.69
N VAL A 112 21.73 -2.79 -26.45
CA VAL A 112 21.17 -1.93 -25.41
C VAL A 112 21.14 -0.47 -25.85
N VAL A 113 22.31 0.05 -26.23
CA VAL A 113 22.40 1.43 -26.71
C VAL A 113 21.47 1.64 -27.89
N SER A 114 21.37 0.63 -28.74
CA SER A 114 20.51 0.72 -29.93
C SER A 114 19.04 0.88 -29.56
N MET A 115 18.60 0.12 -28.57
CA MET A 115 17.20 0.15 -28.14
C MET A 115 16.86 1.49 -27.48
N VAL A 116 17.76 1.96 -26.64
CA VAL A 116 17.59 3.24 -25.95
C VAL A 116 17.54 4.39 -26.95
N LEU A 117 18.33 4.28 -28.01
CA LEU A 117 18.36 5.30 -29.05
C LEU A 117 17.01 5.45 -29.74
N ARG A 118 16.30 4.34 -29.89
CA ARG A 118 15.02 4.35 -30.56
C ARG A 118 13.92 4.93 -29.68
N MET A 119 14.09 4.83 -28.37
CA MET A 119 13.13 5.38 -27.43
C MET A 119 13.14 6.91 -27.47
N PHE A 120 14.29 7.47 -27.80
CA PHE A 120 14.45 8.92 -27.86
C PHE A 120 14.51 9.40 -29.31
N ASN A 121 14.26 8.49 -30.24
CA ASN A 121 14.16 8.84 -31.65
C ASN A 121 15.40 9.55 -32.19
N ALA A 122 16.56 9.01 -31.87
CA ALA A 122 17.81 9.53 -32.38
C ALA A 122 17.89 9.28 -33.88
N PRO A 123 18.69 10.08 -34.59
CA PRO A 123 18.87 9.89 -36.03
C PRO A 123 19.23 8.45 -36.35
N SER A 124 18.35 7.76 -37.08
CA SER A 124 18.61 6.38 -37.47
C SER A 124 19.81 6.30 -38.41
N ASP A 125 20.40 7.45 -38.70
CA ASP A 125 21.54 7.53 -39.60
C ASP A 125 22.85 7.72 -38.83
N THR A 126 23.05 8.92 -38.32
CA THR A 126 24.27 9.26 -37.59
C THR A 126 24.10 9.12 -36.08
N GLY A 127 22.86 8.87 -35.64
CA GLY A 127 22.56 8.74 -34.23
C GLY A 127 23.31 7.60 -33.57
N CYS A 128 24.33 7.94 -32.80
CA CYS A 128 25.15 6.95 -32.11
C CYS A 128 24.88 6.98 -30.62
N GLY A 129 25.71 6.29 -29.85
CA GLY A 129 25.56 6.26 -28.40
C GLY A 129 26.67 5.48 -27.70
N THR A 130 26.58 5.42 -26.37
CA THR A 130 27.57 4.72 -25.56
C THR A 130 27.01 4.41 -24.17
N THR A 131 27.64 3.47 -23.48
CA THR A 131 27.17 3.03 -22.18
C THR A 131 28.06 3.53 -21.04
N THR A 132 27.47 3.72 -19.87
CA THR A 132 28.20 4.20 -18.71
C THR A 132 27.80 3.48 -17.43
N SER A 133 28.49 3.79 -16.34
CA SER A 133 28.21 3.16 -15.06
C SER A 133 27.00 3.80 -14.38
N GLY A 134 27.26 4.80 -13.54
CA GLY A 134 26.18 5.54 -12.89
C GLY A 134 25.69 6.67 -13.77
N GLY A 135 24.52 7.20 -13.43
CA GLY A 135 23.97 8.33 -14.16
C GLY A 135 24.89 9.53 -14.11
N THR A 136 25.77 9.53 -13.11
CA THR A 136 26.73 10.62 -12.94
C THR A 136 27.79 10.60 -14.03
N GLU A 137 28.35 9.43 -14.29
CA GLU A 137 29.39 9.28 -15.31
C GLU A 137 28.86 9.71 -16.68
N SER A 138 27.58 9.46 -16.92
CA SER A 138 26.95 9.84 -18.18
C SER A 138 26.98 11.35 -18.40
N LEU A 139 26.73 12.10 -17.34
CA LEU A 139 26.75 13.56 -17.41
C LEU A 139 28.16 14.10 -17.64
N LEU A 140 29.12 13.53 -16.93
CA LEU A 140 30.51 13.94 -17.04
C LEU A 140 31.06 13.72 -18.44
N LEU A 141 30.56 12.68 -19.12
CA LEU A 141 31.02 12.35 -20.46
C LEU A 141 30.43 13.30 -21.50
N ALA A 142 29.24 13.83 -21.21
CA ALA A 142 28.63 14.82 -22.08
C ALA A 142 29.33 16.16 -21.90
N CYS A 143 29.83 16.40 -20.68
CA CYS A 143 30.55 17.62 -20.36
C CYS A 143 31.96 17.61 -20.96
N LEU A 144 32.65 16.49 -20.79
CA LEU A 144 33.98 16.33 -21.37
C LEU A 144 33.90 16.42 -22.90
N SER A 145 32.79 15.92 -23.45
CA SER A 145 32.55 15.97 -24.87
C SER A 145 32.57 17.41 -25.39
N ALA A 146 31.88 18.30 -24.69
CA ALA A 146 31.78 19.69 -25.09
C ALA A 146 33.07 20.45 -24.80
N LYS A 147 33.73 20.11 -23.70
CA LYS A 147 34.97 20.77 -23.31
C LYS A 147 36.05 20.57 -24.36
N MET A 148 36.27 19.31 -24.73
CA MET A 148 37.31 18.97 -25.69
C MET A 148 36.84 19.18 -27.12
N TYR A 149 35.61 19.64 -27.28
CA TYR A 149 35.06 19.97 -28.59
C TYR A 149 35.26 21.46 -28.88
N ALA A 150 34.76 22.30 -27.98
CA ALA A 150 34.91 23.74 -28.11
C ALA A 150 36.38 24.13 -27.95
N LEU A 151 37.15 23.23 -27.34
CA LEU A 151 38.58 23.45 -27.18
C LEU A 151 39.32 22.93 -28.40
N HIS A 152 38.56 22.48 -29.39
CA HIS A 152 39.14 21.95 -30.63
C HIS A 152 38.68 22.76 -31.83
N HIS A 153 37.49 23.36 -31.73
CA HIS A 153 36.93 24.15 -32.82
C HIS A 153 36.93 25.64 -32.48
N ARG A 154 37.22 25.95 -31.22
CA ARG A 154 37.24 27.34 -30.76
C ARG A 154 38.44 27.59 -29.87
N GLY A 155 39.08 26.51 -29.42
CA GLY A 155 40.22 26.61 -28.55
C GLY A 155 39.94 27.44 -27.31
N ILE A 156 38.86 27.08 -26.60
CA ILE A 156 38.48 27.79 -25.38
C ILE A 156 39.29 27.31 -24.19
N THR A 157 40.20 28.16 -23.73
CA THR A 157 41.04 27.83 -22.58
C THR A 157 40.25 27.86 -21.28
N GLU A 158 39.13 28.56 -21.30
CA GLU A 158 38.30 28.71 -20.11
C GLU A 158 36.87 28.20 -20.36
N PRO A 159 36.70 26.87 -20.37
CA PRO A 159 35.39 26.27 -20.60
C PRO A 159 34.35 26.83 -19.63
N GLU A 160 33.12 26.98 -20.11
CA GLU A 160 32.04 27.52 -19.30
C GLU A 160 30.71 26.82 -19.57
N ILE A 161 30.21 26.10 -18.57
CA ILE A 161 28.95 25.38 -18.69
C ILE A 161 27.84 26.09 -17.93
N ILE A 162 26.68 26.21 -18.56
CA ILE A 162 25.53 26.87 -17.92
C ILE A 162 24.34 25.93 -17.85
N ALA A 163 23.69 25.90 -16.68
CA ALA A 163 22.57 25.00 -16.45
C ALA A 163 21.66 25.52 -15.34
N PRO A 164 20.39 25.10 -15.35
CA PRO A 164 19.41 25.52 -14.33
C PRO A 164 19.88 25.17 -12.93
N VAL A 165 19.39 25.90 -11.93
CA VAL A 165 19.71 25.58 -10.55
C VAL A 165 19.03 24.27 -10.15
N THR A 166 18.03 23.90 -10.92
CA THR A 166 17.28 22.66 -10.68
C THR A 166 17.96 21.47 -11.35
N ALA A 167 19.15 21.70 -11.87
CA ALA A 167 19.92 20.65 -12.54
C ALA A 167 20.35 19.58 -11.54
N HIS A 168 21.29 18.75 -11.94
CA HIS A 168 21.79 17.69 -11.07
C HIS A 168 23.23 17.98 -10.65
N ALA A 169 23.65 17.41 -9.52
CA ALA A 169 24.99 17.61 -9.01
C ALA A 169 26.03 17.06 -9.99
N GLY A 170 25.58 16.21 -10.90
CA GLY A 170 26.47 15.64 -11.90
C GLY A 170 27.10 16.71 -12.76
N PHE A 171 26.39 17.81 -12.97
CA PHE A 171 26.90 18.92 -13.76
C PHE A 171 27.82 19.79 -12.91
N ASP A 172 27.57 19.81 -11.61
CA ASP A 172 28.38 20.58 -10.69
C ASP A 172 29.72 19.89 -10.44
N LYS A 173 29.75 18.58 -10.64
CA LYS A 173 30.98 17.81 -10.49
C LYS A 173 31.93 18.07 -11.66
N ALA A 174 31.40 18.01 -12.87
CA ALA A 174 32.22 18.20 -14.07
C ALA A 174 33.00 19.51 -14.02
N ALA A 175 32.36 20.57 -13.56
CA ALA A 175 33.01 21.87 -13.44
C ALA A 175 34.16 21.80 -12.42
N TYR A 176 33.96 21.01 -11.38
CA TYR A 176 34.97 20.85 -10.34
C TYR A 176 36.15 20.01 -10.82
N TYR A 177 35.86 18.91 -11.47
CA TYR A 177 36.91 18.00 -11.96
C TYR A 177 37.63 18.56 -13.18
N PHE A 178 36.87 18.87 -14.23
CA PHE A 178 37.45 19.38 -15.47
C PHE A 178 37.86 20.83 -15.36
N GLY A 179 37.61 21.44 -14.19
CA GLY A 179 37.97 22.82 -13.96
C GLY A 179 37.20 23.80 -14.81
N MET A 180 35.96 23.43 -15.15
CA MET A 180 35.11 24.30 -15.96
C MET A 180 34.34 25.28 -15.09
N LYS A 181 33.77 26.31 -15.72
CA LYS A 181 33.01 27.32 -15.01
C LYS A 181 31.51 27.05 -15.12
N LEU A 182 30.91 26.63 -14.01
CA LEU A 182 29.47 26.35 -13.98
C LEU A 182 28.68 27.58 -13.54
N ARG A 183 27.74 28.01 -14.39
CA ARG A 183 26.91 29.15 -14.08
C ARG A 183 25.44 28.76 -13.95
N HIS A 184 24.88 28.98 -12.76
CA HIS A 184 23.50 28.61 -12.48
C HIS A 184 22.53 29.68 -12.98
N VAL A 185 21.39 29.24 -13.50
CA VAL A 185 20.36 30.16 -13.98
C VAL A 185 19.03 29.92 -13.26
N GLU A 186 18.42 31.00 -12.78
CA GLU A 186 17.16 30.91 -12.03
C GLU A 186 16.00 30.45 -12.89
N LEU A 187 14.84 30.27 -12.26
CA LEU A 187 13.68 29.71 -12.93
C LEU A 187 12.48 30.63 -12.93
N ASP A 188 11.41 30.21 -13.61
CA ASP A 188 10.16 30.95 -13.65
C ASP A 188 9.32 30.62 -12.42
N PRO A 189 9.10 31.62 -11.56
CA PRO A 189 8.39 31.45 -10.28
C PRO A 189 7.02 30.80 -10.42
N THR A 190 6.45 30.80 -11.62
CA THR A 190 5.10 30.27 -11.82
C THR A 190 5.10 28.82 -12.31
N THR A 191 5.81 28.56 -13.40
CA THR A 191 5.83 27.23 -13.99
C THR A 191 6.99 26.40 -13.45
N TYR A 192 7.92 27.07 -12.78
CA TYR A 192 9.09 26.42 -12.20
C TYR A 192 9.99 25.80 -13.26
N GLN A 193 9.70 26.10 -14.53
CA GLN A 193 10.59 25.71 -15.61
C GLN A 193 11.81 26.62 -15.61
N VAL A 194 12.55 26.64 -16.71
CA VAL A 194 13.73 27.49 -16.82
C VAL A 194 13.44 28.74 -17.63
N ASP A 195 13.98 29.86 -17.19
CA ASP A 195 13.80 31.13 -17.90
C ASP A 195 14.75 31.20 -19.08
N LEU A 196 14.21 30.97 -20.27
CA LEU A 196 15.01 30.92 -21.49
C LEU A 196 15.58 32.29 -21.87
N GLY A 197 15.25 33.30 -21.08
CA GLY A 197 15.74 34.64 -21.33
C GLY A 197 17.01 34.93 -20.55
N LYS A 198 17.02 34.57 -19.28
CA LYS A 198 18.17 34.78 -18.42
C LYS A 198 19.38 34.03 -18.95
N VAL A 199 19.14 32.91 -19.63
CA VAL A 199 20.21 32.11 -20.18
C VAL A 199 20.91 32.85 -21.33
N LYS A 200 20.13 33.57 -22.12
CA LYS A 200 20.67 34.34 -23.23
C LYS A 200 21.70 35.36 -22.74
N LYS A 201 21.48 35.86 -21.52
CA LYS A 201 22.36 36.87 -20.93
C LYS A 201 23.67 36.27 -20.45
N PHE A 202 23.86 34.97 -20.70
CA PHE A 202 25.06 34.29 -20.22
C PHE A 202 25.87 33.68 -21.37
N ILE A 203 25.37 33.81 -22.59
CA ILE A 203 26.09 33.32 -23.75
C ILE A 203 27.41 34.09 -23.93
N ASN A 204 28.51 33.38 -23.79
CA ASN A 204 29.84 33.99 -23.88
C ASN A 204 30.71 33.31 -24.91
N LYS A 205 31.93 33.79 -25.07
CA LYS A 205 32.91 33.17 -25.95
C LYS A 205 33.49 31.94 -25.27
N ASN A 206 33.05 31.70 -24.03
CA ASN A 206 33.54 30.57 -23.25
C ASN A 206 32.47 29.51 -23.04
N THR A 207 31.21 29.85 -23.34
CA THR A 207 30.12 28.91 -23.20
C THR A 207 30.30 27.74 -24.16
N VAL A 208 30.25 26.53 -23.63
CA VAL A 208 30.54 25.33 -24.42
C VAL A 208 29.34 24.40 -24.54
N LEU A 209 28.33 24.60 -23.71
CA LEU A 209 27.15 23.75 -23.72
C LEU A 209 26.04 24.30 -22.82
N LEU A 210 24.80 24.03 -23.19
CA LEU A 210 23.66 24.40 -22.37
C LEU A 210 22.86 23.15 -21.99
N VAL A 211 22.40 23.10 -20.74
CA VAL A 211 21.73 21.91 -20.22
C VAL A 211 20.24 22.16 -19.99
N GLY A 212 19.46 21.09 -20.08
CA GLY A 212 18.03 21.16 -19.85
C GLY A 212 17.51 19.91 -19.16
N SER A 213 17.45 19.93 -17.84
CA SER A 213 16.98 18.80 -17.07
C SER A 213 15.55 18.43 -17.45
N ALA A 214 15.33 17.18 -17.84
CA ALA A 214 14.02 16.73 -18.27
C ALA A 214 13.78 15.24 -18.01
N PRO A 215 13.18 14.93 -16.85
CA PRO A 215 12.83 15.91 -15.82
C PRO A 215 14.00 16.16 -14.89
N ASN A 216 13.92 17.22 -14.09
CA ASN A 216 14.94 17.49 -13.08
C ASN A 216 14.69 16.65 -11.85
N PHE A 217 15.73 16.50 -11.01
CA PHE A 217 15.62 15.70 -9.81
C PHE A 217 14.78 16.38 -8.71
N PRO A 218 15.04 17.67 -8.45
CA PRO A 218 14.34 18.37 -7.38
C PRO A 218 12.82 18.34 -7.48
N HIS A 219 12.26 18.77 -8.61
CA HIS A 219 10.82 18.96 -8.71
C HIS A 219 10.13 18.05 -9.73
N GLY A 220 10.93 17.24 -10.44
CA GLY A 220 10.38 16.33 -11.42
C GLY A 220 9.55 17.01 -12.50
N ILE A 221 10.00 18.18 -12.92
CA ILE A 221 9.30 18.94 -13.95
C ILE A 221 10.23 19.20 -15.14
N ALA A 222 9.80 18.78 -16.33
CA ALA A 222 10.60 18.94 -17.53
C ALA A 222 10.71 20.40 -17.95
N ASP A 223 11.94 20.89 -18.04
CA ASP A 223 12.19 22.24 -18.51
C ASP A 223 11.74 22.38 -19.95
N ASP A 224 11.63 23.63 -20.42
CA ASP A 224 11.22 23.86 -21.80
C ASP A 224 12.28 23.37 -22.78
N ILE A 225 12.08 22.16 -23.29
CA ILE A 225 13.04 21.56 -24.21
C ILE A 225 12.61 21.74 -25.66
N GLU A 226 11.32 21.59 -25.91
CA GLU A 226 10.77 21.74 -27.26
C GLU A 226 11.12 23.10 -27.84
N GLY A 227 11.18 24.11 -26.97
CA GLY A 227 11.54 25.46 -27.39
C GLY A 227 12.98 25.77 -27.06
N LEU A 228 13.73 24.76 -26.63
CA LEU A 228 15.13 24.93 -26.28
C LEU A 228 16.02 24.37 -27.37
N GLY A 229 15.43 23.58 -28.27
CA GLY A 229 16.16 23.05 -29.40
C GLY A 229 16.21 24.06 -30.53
N LYS A 230 15.66 25.23 -30.27
CA LYS A 230 15.68 26.32 -31.23
C LYS A 230 16.80 27.29 -30.88
N ILE A 231 16.96 27.56 -29.58
CA ILE A 231 18.01 28.44 -29.10
C ILE A 231 19.39 27.82 -29.28
N ALA A 232 19.46 26.51 -29.11
CA ALA A 232 20.72 25.78 -29.30
C ALA A 232 21.24 25.99 -30.73
N GLN A 233 20.32 26.02 -31.68
CA GLN A 233 20.67 26.22 -33.08
C GLN A 233 21.12 27.65 -33.33
N LYS A 234 20.65 28.57 -32.50
CA LYS A 234 20.98 29.99 -32.65
C LYS A 234 22.45 30.26 -32.36
N TYR A 235 22.91 29.81 -31.20
CA TYR A 235 24.31 30.03 -30.80
C TYR A 235 25.17 28.80 -31.03
N LYS A 236 24.75 27.96 -31.98
CA LYS A 236 25.47 26.74 -32.34
C LYS A 236 26.04 25.96 -31.16
N LEU A 237 25.36 26.03 -30.02
CA LEU A 237 25.81 25.35 -28.80
C LEU A 237 25.18 23.97 -28.65
N PRO A 238 25.93 23.02 -28.08
CA PRO A 238 25.45 21.68 -27.80
C PRO A 238 24.34 21.70 -26.74
N LEU A 239 23.27 20.94 -26.97
CA LEU A 239 22.17 20.88 -26.02
C LEU A 239 22.08 19.50 -25.39
N HIS A 240 22.20 19.45 -24.07
CA HIS A 240 22.14 18.19 -23.35
C HIS A 240 20.89 18.08 -22.48
N VAL A 241 20.19 16.96 -22.59
CA VAL A 241 18.97 16.71 -21.83
C VAL A 241 19.22 15.68 -20.74
N ASP A 242 19.08 16.10 -19.48
CA ASP A 242 19.31 15.20 -18.35
C ASP A 242 18.08 14.34 -18.06
N SER A 243 17.85 13.34 -18.91
CA SER A 243 16.72 12.44 -18.72
C SER A 243 17.13 11.25 -17.87
N CYS A 244 18.17 11.42 -17.06
CA CYS A 244 18.63 10.36 -16.16
C CYS A 244 17.49 9.87 -15.27
N LEU A 245 16.65 10.81 -14.85
CA LEU A 245 15.55 10.47 -13.96
C LEU A 245 14.32 10.02 -14.74
N GLY A 246 14.07 10.65 -15.89
CA GLY A 246 12.92 10.32 -16.71
C GLY A 246 13.04 8.93 -17.33
N SER A 247 14.21 8.66 -17.89
CA SER A 247 14.51 7.36 -18.51
C SER A 247 13.34 6.69 -19.23
N PHE A 248 12.79 5.64 -18.63
CA PHE A 248 11.77 4.82 -19.28
C PHE A 248 10.36 5.26 -18.92
N ILE A 249 10.20 6.54 -18.57
CA ILE A 249 8.89 7.09 -18.27
C ILE A 249 8.52 8.13 -19.32
N VAL A 250 9.37 9.14 -19.47
CA VAL A 250 9.14 10.21 -20.43
C VAL A 250 8.92 9.66 -21.83
N SER A 251 9.78 8.73 -22.24
CA SER A 251 9.71 8.14 -23.56
C SER A 251 8.38 7.41 -23.79
N PHE A 252 7.91 6.73 -22.74
CA PHE A 252 6.69 5.94 -22.85
C PHE A 252 5.44 6.72 -22.45
N MET A 253 5.61 8.00 -22.16
CA MET A 253 4.47 8.86 -21.84
C MET A 253 3.48 8.87 -23.00
N GLU A 254 4.01 8.77 -24.21
CA GLU A 254 3.19 8.83 -25.41
C GLU A 254 2.53 7.49 -25.72
N LYS A 255 3.24 6.41 -25.44
CA LYS A 255 2.72 5.07 -25.70
C LYS A 255 1.81 4.62 -24.56
N ALA A 256 1.84 5.35 -23.45
CA ALA A 256 1.01 5.03 -22.29
C ALA A 256 -0.41 5.56 -22.49
N GLY A 257 -0.55 6.49 -23.42
CA GLY A 257 -1.85 7.07 -23.73
C GLY A 257 -2.05 8.44 -23.11
N TYR A 258 -0.97 9.20 -23.01
CA TYR A 258 -1.04 10.56 -22.46
C TYR A 258 -0.91 11.59 -23.57
N LYS A 259 -1.71 12.65 -23.48
CA LYS A 259 -1.70 13.71 -24.49
C LYS A 259 -1.08 14.99 -23.94
N ASN A 260 -0.92 15.98 -24.82
CA ASN A 260 -0.36 17.27 -24.43
C ASN A 260 1.02 17.11 -23.80
N LEU A 261 1.96 16.57 -24.56
CA LEU A 261 3.31 16.30 -24.06
C LEU A 261 4.36 16.94 -24.95
N PRO A 262 5.20 17.82 -24.37
CA PRO A 262 6.28 18.48 -25.11
C PRO A 262 7.29 17.48 -25.66
N LEU A 263 8.29 17.97 -26.37
CA LEU A 263 9.33 17.11 -26.92
C LEU A 263 10.55 17.15 -26.00
N LEU A 264 11.09 15.97 -25.69
CA LEU A 264 12.21 15.87 -24.77
C LEU A 264 13.37 15.06 -25.33
N ASP A 265 13.48 15.01 -26.66
CA ASP A 265 14.53 14.20 -27.28
C ASP A 265 15.00 14.70 -28.66
N PHE A 266 15.53 13.77 -29.45
CA PHE A 266 16.23 14.12 -30.69
C PHE A 266 15.32 14.62 -31.80
N ARG A 267 14.03 14.37 -31.68
CA ARG A 267 13.08 14.94 -32.63
C ARG A 267 13.20 16.45 -32.61
N VAL A 268 13.76 16.97 -31.52
CA VAL A 268 14.13 18.36 -31.43
C VAL A 268 15.51 18.54 -32.04
N PRO A 269 15.57 19.13 -33.25
CA PRO A 269 16.81 19.26 -34.03
C PRO A 269 17.94 19.90 -33.24
N GLY A 270 17.61 20.70 -32.24
CA GLY A 270 18.61 21.39 -31.46
C GLY A 270 19.24 20.54 -30.37
N VAL A 271 18.71 19.35 -30.16
CA VAL A 271 19.20 18.46 -29.11
C VAL A 271 20.48 17.74 -29.53
N THR A 272 21.53 17.91 -28.73
CA THR A 272 22.81 17.28 -28.99
C THR A 272 22.93 15.92 -28.31
N SER A 273 23.10 15.94 -26.99
CA SER A 273 23.26 14.71 -26.21
C SER A 273 22.09 14.51 -25.25
N ILE A 274 21.89 13.27 -24.82
CA ILE A 274 20.81 12.91 -23.92
C ILE A 274 21.19 11.79 -22.97
N SER A 275 21.13 12.06 -21.67
CA SER A 275 21.42 11.06 -20.65
C SER A 275 20.18 10.23 -20.32
N CYS A 276 20.39 9.06 -19.71
CA CYS A 276 19.30 8.17 -19.37
C CYS A 276 19.77 7.03 -18.48
N ASP A 277 19.22 6.95 -17.26
CA ASP A 277 19.61 5.90 -16.32
C ASP A 277 18.73 4.67 -16.44
N THR A 278 19.32 3.59 -16.95
CA THR A 278 18.61 2.32 -17.10
C THR A 278 18.45 1.63 -15.75
N HIS A 279 19.34 1.94 -14.80
CA HIS A 279 19.27 1.34 -13.48
C HIS A 279 18.19 2.00 -12.62
N1 LLP A 280 20.29 13.32 -13.14
C2 LLP A 280 19.04 13.08 -12.62
C2' LLP A 280 17.89 13.96 -13.01
C3 LLP A 280 18.83 12.03 -11.73
O3 LLP A 280 17.71 11.84 -11.27
C4 LLP A 280 19.89 11.21 -11.36
C4' LLP A 280 19.66 10.08 -10.40
C5 LLP A 280 21.16 11.46 -11.89
C6 LLP A 280 21.36 12.51 -12.78
C5' LLP A 280 22.34 10.60 -11.52
OP4 LLP A 280 22.24 9.16 -11.53
P LLP A 280 23.20 8.33 -10.53
OP1 LLP A 280 22.99 6.92 -10.91
OP2 LLP A 280 22.69 8.69 -9.19
OP3 LLP A 280 24.56 8.84 -10.85
N LLP A 280 17.62 3.09 -13.13
CA LLP A 280 16.51 3.74 -12.46
CB LLP A 280 16.54 5.26 -12.65
CG LLP A 280 17.74 5.95 -12.01
CD LLP A 280 17.46 7.43 -11.70
CE LLP A 280 18.73 8.13 -11.23
NZ LLP A 280 18.49 9.49 -10.67
C LLP A 280 15.18 3.16 -12.93
O LLP A 280 14.76 2.10 -12.46
N TYR A 281 14.52 3.84 -13.86
CA TYR A 281 13.22 3.41 -14.33
C TYR A 281 13.27 2.33 -15.40
N GLY A 282 14.47 1.84 -15.69
CA GLY A 282 14.64 0.71 -16.58
C GLY A 282 14.62 -0.58 -15.78
N PHE A 283 14.79 -0.44 -14.47
CA PHE A 283 14.78 -1.58 -13.56
C PHE A 283 15.97 -2.50 -13.80
N ALA A 284 16.96 -1.99 -14.53
CA ALA A 284 18.18 -2.73 -14.79
C ALA A 284 19.01 -2.78 -13.52
N PRO A 285 19.98 -3.72 -13.46
CA PRO A 285 20.85 -3.83 -12.28
C PRO A 285 21.50 -2.49 -11.97
N LYS A 286 21.43 -2.07 -10.70
CA LYS A 286 21.96 -0.78 -10.30
C LYS A 286 23.37 -0.57 -10.85
N GLY A 287 23.69 0.65 -11.23
CA GLY A 287 25.00 0.97 -11.78
C GLY A 287 25.06 0.75 -13.28
N SER A 288 24.06 1.29 -13.99
CA SER A 288 24.02 1.20 -15.44
C SER A 288 23.17 2.31 -16.03
N SER A 289 23.81 3.20 -16.79
CA SER A 289 23.09 4.26 -17.50
C SER A 289 23.63 4.39 -18.92
N VAL A 290 23.05 5.29 -19.70
CA VAL A 290 23.45 5.47 -21.09
C VAL A 290 23.52 6.93 -21.50
N ILE A 291 24.57 7.29 -22.22
CA ILE A 291 24.70 8.63 -22.79
C ILE A 291 24.59 8.53 -24.32
N MET A 292 23.77 9.39 -24.90
CA MET A 292 23.50 9.33 -26.33
C MET A 292 23.92 10.60 -27.06
N TYR A 293 24.18 10.46 -28.36
CA TYR A 293 24.58 11.58 -29.21
C TYR A 293 23.80 11.59 -30.52
N ARG A 294 23.97 12.65 -31.30
CA ARG A 294 23.33 12.75 -32.60
C ARG A 294 24.26 12.27 -33.71
N ASN A 295 25.57 12.27 -33.42
CA ASN A 295 26.56 11.76 -34.34
C ASN A 295 27.82 11.29 -33.62
N SER A 296 28.65 10.51 -34.31
CA SER A 296 29.82 9.90 -33.69
C SER A 296 30.94 10.89 -33.35
N ASP A 297 31.06 11.94 -34.15
CA ASP A 297 32.13 12.91 -33.95
C ASP A 297 32.02 13.63 -32.60
N LEU A 298 30.87 13.47 -31.94
CA LEU A 298 30.67 14.05 -30.62
C LEU A 298 31.28 13.17 -29.52
N ARG A 299 30.77 11.94 -29.40
CA ARG A 299 31.31 11.00 -28.43
C ARG A 299 32.81 10.82 -28.61
N MET A 300 33.30 11.10 -29.81
CA MET A 300 34.72 11.06 -30.11
C MET A 300 35.52 11.82 -29.05
N HIS A 301 34.93 12.91 -28.54
CA HIS A 301 35.62 13.77 -27.61
C HIS A 301 35.49 13.31 -26.16
N GLN A 302 34.64 12.32 -25.93
CA GLN A 302 34.47 11.77 -24.59
C GLN A 302 35.43 10.62 -24.34
N TYR A 303 36.00 10.08 -25.41
CA TYR A 303 36.94 8.97 -25.31
C TYR A 303 38.28 9.43 -24.77
N TYR A 304 39.10 8.47 -24.34
CA TYR A 304 40.49 8.73 -23.98
C TYR A 304 41.43 7.91 -24.85
N VAL A 305 42.44 8.56 -25.41
CA VAL A 305 43.38 7.87 -26.28
C VAL A 305 44.83 8.13 -25.86
N ASN A 306 45.60 7.06 -25.71
CA ASN A 306 47.00 7.16 -25.34
C ASN A 306 47.84 6.03 -25.93
N PRO A 307 48.25 6.20 -27.19
CA PRO A 307 49.09 5.21 -27.88
C PRO A 307 50.51 5.19 -27.32
N ALA A 308 50.94 6.34 -26.80
CA ALA A 308 52.31 6.50 -26.32
C ALA A 308 52.62 5.64 -25.09
N TRP A 309 51.57 5.21 -24.39
CA TRP A 309 51.75 4.41 -23.18
C TRP A 309 52.53 3.14 -23.47
N THR A 310 53.47 2.81 -22.60
CA THR A 310 54.37 1.69 -22.80
C THR A 310 53.68 0.34 -22.59
N GLY A 311 52.72 0.30 -21.68
CA GLY A 311 52.00 -0.92 -21.39
C GLY A 311 51.17 -1.42 -22.56
N GLY A 312 51.18 -0.65 -23.64
CA GLY A 312 50.42 -0.99 -24.83
C GLY A 312 49.91 0.25 -25.53
N LEU A 313 48.59 0.39 -25.58
CA LEU A 313 47.95 1.56 -26.17
C LEU A 313 46.50 1.66 -25.72
N TYR A 314 46.30 2.29 -24.56
CA TYR A 314 44.99 2.35 -23.94
C TYR A 314 43.96 3.09 -24.80
N GLY A 315 42.69 2.88 -24.49
CA GLY A 315 41.60 3.52 -25.20
C GLY A 315 40.29 3.30 -24.49
N SER A 316 40.09 4.02 -23.38
CA SER A 316 38.87 3.88 -22.60
C SER A 316 37.73 4.65 -23.23
N PRO A 317 36.67 3.93 -23.63
CA PRO A 317 35.46 4.55 -24.19
C PRO A 317 34.81 5.45 -23.18
N THR A 318 35.02 5.16 -21.90
CA THR A 318 34.48 5.95 -20.81
C THR A 318 35.61 6.51 -19.95
N LEU A 319 35.43 6.44 -18.64
CA LEU A 319 36.43 6.93 -17.70
C LEU A 319 36.96 5.78 -16.87
N ALA A 320 36.48 4.58 -17.17
CA ALA A 320 36.82 3.40 -16.37
C ALA A 320 37.74 2.46 -17.13
N GLY A 321 38.57 1.72 -16.39
CA GLY A 321 39.39 0.68 -16.97
C GLY A 321 38.56 -0.57 -17.14
N SER A 322 38.75 -1.52 -16.23
CA SER A 322 37.96 -2.74 -16.23
C SER A 322 36.52 -2.41 -15.90
N ARG A 323 35.58 -3.10 -16.55
CA ARG A 323 34.16 -2.85 -16.34
C ARG A 323 33.37 -4.12 -16.07
N PRO A 324 32.38 -4.04 -15.17
CA PRO A 324 31.53 -5.17 -14.79
C PRO A 324 30.62 -5.61 -15.93
N GLY A 325 31.06 -6.59 -16.70
CA GLY A 325 30.29 -7.09 -17.82
C GLY A 325 28.91 -7.58 -17.40
N ALA A 326 28.86 -8.33 -16.31
CA ALA A 326 27.60 -8.89 -15.83
C ALA A 326 26.49 -7.85 -15.71
N ILE A 327 26.83 -6.68 -15.19
CA ILE A 327 25.85 -5.62 -14.99
C ILE A 327 25.10 -5.24 -16.26
N VAL A 328 25.85 -5.01 -17.34
CA VAL A 328 25.24 -4.61 -18.60
C VAL A 328 24.43 -5.75 -19.19
N VAL A 329 24.85 -6.98 -18.91
CA VAL A 329 24.12 -8.15 -19.38
C VAL A 329 22.79 -8.24 -18.67
N GLY A 330 22.80 -7.96 -17.37
CA GLY A 330 21.58 -7.95 -16.58
C GLY A 330 20.65 -6.85 -17.05
N CYS A 331 21.23 -5.76 -17.53
CA CYS A 331 20.46 -4.65 -18.08
C CYS A 331 19.84 -5.06 -19.41
N TRP A 332 20.59 -5.80 -20.21
CA TRP A 332 20.12 -6.24 -21.51
C TRP A 332 18.95 -7.23 -21.36
N ALA A 333 19.02 -8.07 -20.34
CA ALA A 333 18.02 -9.10 -20.13
C ALA A 333 16.68 -8.54 -19.64
N THR A 334 16.74 -7.46 -18.87
CA THR A 334 15.52 -6.84 -18.35
C THR A 334 14.73 -6.12 -19.44
N MET A 335 15.45 -5.46 -20.34
CA MET A 335 14.82 -4.71 -21.42
C MET A 335 14.09 -5.63 -22.40
N VAL A 336 14.57 -6.85 -22.51
CA VAL A 336 13.96 -7.84 -23.39
C VAL A 336 12.78 -8.51 -22.70
N ASN A 337 12.96 -8.84 -21.42
CA ASN A 337 11.92 -9.45 -20.62
C ASN A 337 10.73 -8.51 -20.43
N MET A 338 11.00 -7.21 -20.50
CA MET A 338 9.97 -6.21 -20.35
C MET A 338 9.33 -5.85 -21.70
N GLY A 339 10.16 -5.70 -22.72
CA GLY A 339 9.68 -5.31 -24.03
C GLY A 339 9.07 -3.92 -23.97
N GLU A 340 8.49 -3.47 -25.08
CA GLU A 340 7.87 -2.15 -25.12
C GLU A 340 6.54 -2.15 -24.38
N ASN A 341 5.94 -3.33 -24.25
CA ASN A 341 4.66 -3.47 -23.54
C ASN A 341 4.83 -3.41 -22.03
N GLY A 342 6.01 -3.78 -21.55
CA GLY A 342 6.29 -3.79 -20.13
C GLY A 342 6.42 -2.41 -19.54
N TYR A 343 7.11 -1.52 -20.25
CA TYR A 343 7.35 -0.17 -19.76
C TYR A 343 6.15 0.74 -19.97
N ILE A 344 5.12 0.21 -20.62
CA ILE A 344 3.85 0.91 -20.74
C ILE A 344 3.02 0.59 -19.50
N GLU A 345 2.79 -0.70 -19.25
CA GLU A 345 2.12 -1.12 -18.02
C GLU A 345 2.92 -0.65 -16.81
N SER A 346 4.15 -0.22 -17.06
CA SER A 346 5.00 0.35 -16.03
C SER A 346 4.71 1.84 -15.88
N CYS A 347 4.79 2.56 -16.99
CA CYS A 347 4.54 4.00 -17.00
C CYS A 347 3.11 4.31 -16.54
N GLN A 348 2.15 3.58 -17.09
CA GLN A 348 0.75 3.77 -16.74
C GLN A 348 0.53 3.60 -15.24
N GLU A 349 1.22 2.62 -14.66
CA GLU A 349 1.09 2.35 -13.23
C GLU A 349 1.79 3.41 -12.38
N ILE A 350 3.07 3.63 -12.66
CA ILE A 350 3.88 4.57 -11.89
C ILE A 350 3.32 6.00 -11.98
N VAL A 351 3.18 6.49 -13.20
CA VAL A 351 2.63 7.82 -13.42
C VAL A 351 1.20 7.90 -12.93
N GLY A 352 0.47 6.80 -13.09
CA GLY A 352 -0.90 6.74 -12.62
C GLY A 352 -1.01 7.04 -11.14
N ALA A 353 -0.10 6.46 -10.37
CA ALA A 353 -0.06 6.67 -8.92
C ALA A 353 0.39 8.10 -8.59
N ALA A 354 1.41 8.58 -9.32
CA ALA A 354 1.95 9.91 -9.08
C ALA A 354 0.89 10.99 -9.27
N MET A 355 -0.01 10.77 -10.23
CA MET A 355 -1.06 11.74 -10.52
C MET A 355 -2.16 11.65 -9.48
N LYS A 356 -2.53 10.42 -9.11
CA LYS A 356 -3.51 10.19 -8.07
C LYS A 356 -3.03 10.82 -6.77
N PHE A 357 -1.73 10.72 -6.53
CA PHE A 357 -1.08 11.34 -5.38
C PHE A 357 -1.26 12.85 -5.44
N LYS A 358 -0.86 13.44 -6.56
CA LYS A 358 -0.98 14.88 -6.78
C LYS A 358 -2.40 15.38 -6.56
N LYS A 359 -3.37 14.69 -7.13
CA LYS A 359 -4.77 15.09 -7.03
C LYS A 359 -5.23 15.07 -5.58
N TYR A 360 -4.81 14.05 -4.83
CA TYR A 360 -5.23 13.89 -3.44
C TYR A 360 -4.68 14.98 -2.53
N ILE A 361 -3.49 15.47 -2.83
CA ILE A 361 -2.89 16.53 -2.03
C ILE A 361 -3.35 17.91 -2.50
N GLN A 362 -4.15 17.92 -3.56
CA GLN A 362 -4.79 19.15 -4.01
C GLN A 362 -6.22 19.21 -3.48
N GLU A 363 -6.99 18.16 -3.78
CA GLU A 363 -8.35 18.03 -3.25
C GLU A 363 -8.30 17.99 -1.73
N ASN A 364 -7.66 16.95 -1.20
CA ASN A 364 -7.43 16.86 0.24
C ASN A 364 -6.09 17.52 0.59
N ILE A 365 -5.76 17.54 1.88
CA ILE A 365 -4.51 18.13 2.33
C ILE A 365 -4.30 19.51 1.71
N PRO A 366 -5.16 20.47 2.07
CA PRO A 366 -5.13 21.81 1.48
C PRO A 366 -3.92 22.63 1.91
N ASP A 367 -3.13 22.10 2.84
CA ASP A 367 -2.01 22.86 3.40
C ASP A 367 -0.74 22.74 2.56
N LEU A 368 -0.77 21.89 1.54
CA LEU A 368 0.40 21.67 0.70
C LEU A 368 0.29 22.38 -0.65
N ASP A 369 1.44 22.68 -1.25
CA ASP A 369 1.50 23.39 -2.52
C ASP A 369 2.36 22.65 -3.54
N ILE A 370 1.73 22.10 -4.56
CA ILE A 370 2.45 21.43 -5.64
C ILE A 370 3.43 22.37 -6.33
N MET A 371 4.62 21.87 -6.63
CA MET A 371 5.63 22.66 -7.32
C MET A 371 5.48 22.55 -8.83
N GLY A 372 5.00 23.62 -9.45
CA GLY A 372 4.78 23.63 -10.89
C GLY A 372 3.68 22.67 -11.29
N ASN A 373 3.88 21.99 -12.41
CA ASN A 373 2.92 20.99 -12.89
C ASN A 373 3.60 19.68 -13.24
N PRO A 374 3.99 18.90 -12.22
CA PRO A 374 4.61 17.59 -12.43
C PRO A 374 3.75 16.71 -13.33
N ARG A 375 4.25 16.46 -14.54
CA ARG A 375 3.51 15.68 -15.53
C ARG A 375 3.87 14.21 -15.45
N TYR A 376 4.85 13.89 -14.60
CA TYR A 376 5.44 12.55 -14.61
C TYR A 376 5.34 11.82 -13.26
N SER A 377 6.33 10.98 -13.00
CA SER A 377 6.30 10.09 -11.84
C SER A 377 6.85 10.73 -10.56
N VAL A 378 7.51 11.87 -10.70
CA VAL A 378 8.04 12.58 -9.54
C VAL A 378 7.12 13.72 -9.14
N ILE A 379 6.81 13.80 -7.85
CA ILE A 379 5.90 14.82 -7.34
C ILE A 379 6.53 15.62 -6.21
N SER A 380 6.62 16.94 -6.40
CA SER A 380 7.20 17.82 -5.39
C SER A 380 6.16 18.79 -4.86
N PHE A 381 6.39 19.30 -3.66
CA PHE A 381 5.45 20.22 -3.02
C PHE A 381 6.09 20.95 -1.85
N SER A 382 5.45 22.03 -1.41
CA SER A 382 5.96 22.83 -0.31
C SER A 382 4.80 23.38 0.52
N SER A 383 5.11 24.26 1.47
CA SER A 383 4.10 24.88 2.31
C SER A 383 4.69 25.99 3.18
N LYS A 384 3.96 27.08 3.29
CA LYS A 384 4.38 28.20 4.14
C LYS A 384 3.61 28.17 5.46
N THR A 385 2.50 27.42 5.46
CA THR A 385 1.70 27.25 6.66
C THR A 385 2.42 26.38 7.67
N LEU A 386 3.11 25.36 7.17
CA LEU A 386 3.82 24.42 8.03
C LEU A 386 5.32 24.48 7.81
N ASN A 387 6.08 24.09 8.83
CA ASN A 387 7.53 24.00 8.73
C ASN A 387 7.93 22.69 8.05
N ILE A 388 8.09 22.73 6.74
CA ILE A 388 8.40 21.54 5.96
C ILE A 388 9.56 20.72 6.53
N HIS A 389 10.55 21.42 7.09
CA HIS A 389 11.70 20.76 7.68
C HIS A 389 11.26 19.82 8.80
N GLU A 390 10.45 20.32 9.72
CA GLU A 390 9.95 19.53 10.83
C GLU A 390 9.02 18.42 10.34
N LEU A 391 8.17 18.75 9.37
CA LEU A 391 7.25 17.80 8.78
C LEU A 391 8.01 16.58 8.25
N SER A 392 9.10 16.83 7.54
CA SER A 392 9.93 15.77 6.99
C SER A 392 10.38 14.84 8.11
N ASP A 393 10.76 15.42 9.24
CA ASP A 393 11.22 14.65 10.38
C ASP A 393 10.07 13.82 10.97
N ARG A 394 8.88 14.42 10.99
CA ARG A 394 7.69 13.72 11.48
C ARG A 394 7.42 12.49 10.65
N LEU A 395 7.74 12.57 9.36
CA LEU A 395 7.55 11.46 8.44
C LEU A 395 8.64 10.41 8.61
N SER A 396 9.89 10.86 8.59
CA SER A 396 11.03 9.97 8.72
C SER A 396 10.98 9.22 10.05
N LYS A 397 10.34 9.82 11.04
CA LYS A 397 10.15 9.20 12.34
C LYS A 397 9.12 8.08 12.24
N LYS A 398 8.24 8.18 11.24
CA LYS A 398 7.25 7.16 10.97
C LYS A 398 7.74 6.14 9.96
N GLY A 399 9.00 6.28 9.56
CA GLY A 399 9.63 5.34 8.66
C GLY A 399 9.50 5.70 7.19
N TRP A 400 8.80 6.79 6.91
CA TRP A 400 8.61 7.25 5.53
C TRP A 400 9.62 8.33 5.19
N HIS A 401 10.42 8.09 4.16
CA HIS A 401 11.48 9.02 3.79
C HIS A 401 11.24 9.72 2.45
N PHE A 402 10.99 11.03 2.53
CA PHE A 402 10.90 11.88 1.35
C PHE A 402 12.22 12.61 1.18
N ASN A 403 12.61 12.85 -0.07
CA ASN A 403 13.86 13.57 -0.33
C ASN A 403 13.75 15.02 0.09
N ALA A 404 14.53 15.42 1.09
CA ALA A 404 14.55 16.80 1.56
C ALA A 404 15.23 17.70 0.53
N LEU A 405 14.56 18.80 0.17
CA LEU A 405 15.08 19.73 -0.81
C LEU A 405 15.39 21.09 -0.18
N GLN A 406 16.00 21.97 -0.97
CA GLN A 406 16.31 23.31 -0.50
C GLN A 406 16.24 24.31 -1.66
N LYS A 407 16.07 25.58 -1.31
CA LYS A 407 16.05 26.64 -2.30
C LYS A 407 15.09 26.35 -3.47
N PRO A 408 13.78 26.37 -3.20
CA PRO A 408 13.15 26.62 -1.90
C PRO A 408 13.09 25.35 -1.05
N VAL A 409 13.02 25.51 0.26
CA VAL A 409 12.92 24.36 1.16
C VAL A 409 11.63 23.60 0.92
N ALA A 410 11.77 22.36 0.44
CA ALA A 410 10.62 21.53 0.13
C ALA A 410 10.95 20.05 0.29
N LEU A 411 10.20 19.20 -0.41
CA LEU A 411 10.42 17.77 -0.39
C LEU A 411 9.55 17.08 -1.45
N HIS A 412 10.00 15.95 -1.96
CA HIS A 412 9.25 15.25 -3.00
C HIS A 412 9.24 13.74 -2.84
N MET A 413 8.50 13.06 -3.72
CA MET A 413 8.42 11.60 -3.70
C MET A 413 8.57 11.05 -5.12
N ALA A 414 9.71 10.44 -5.39
CA ALA A 414 9.93 9.76 -6.67
C ALA A 414 9.24 8.40 -6.64
N PHE A 415 8.19 8.25 -7.43
CA PHE A 415 7.39 7.04 -7.42
C PHE A 415 8.06 5.85 -8.10
N THR A 416 8.19 4.76 -7.35
CA THR A 416 8.72 3.52 -7.89
C THR A 416 7.61 2.48 -7.90
N ARG A 417 7.89 1.30 -8.45
CA ARG A 417 6.89 0.23 -8.49
C ARG A 417 6.41 -0.09 -7.09
N LEU A 418 7.33 0.00 -6.13
CA LEU A 418 7.03 -0.31 -4.74
C LEU A 418 6.14 0.76 -4.11
N SER A 419 6.52 2.02 -4.28
CA SER A 419 5.75 3.13 -3.74
C SER A 419 4.52 3.40 -4.60
N ALA A 420 4.38 2.63 -5.68
CA ALA A 420 3.23 2.73 -6.57
C ALA A 420 1.98 2.20 -5.90
N HIS A 421 2.10 1.85 -4.63
CA HIS A 421 0.95 1.47 -3.82
C HIS A 421 0.63 2.65 -2.90
N VAL A 422 0.13 3.71 -3.53
CA VAL A 422 0.07 5.04 -2.94
C VAL A 422 -1.10 5.25 -2.00
N VAL A 423 -2.21 4.55 -2.24
CA VAL A 423 -3.40 4.72 -1.44
C VAL A 423 -3.11 4.82 0.05
N ASP A 424 -2.04 4.14 0.49
CA ASP A 424 -1.65 4.16 1.90
C ASP A 424 -1.04 5.50 2.32
N GLU A 425 0.08 5.85 1.70
CA GLU A 425 0.84 7.02 2.15
C GLU A 425 0.23 8.36 1.78
N ILE A 426 -0.92 8.35 1.11
CA ILE A 426 -1.67 9.59 0.92
C ILE A 426 -2.43 9.92 2.19
N CYS A 427 -3.04 8.91 2.79
CA CYS A 427 -3.74 9.07 4.06
C CYS A 427 -2.73 9.23 5.17
N ASP A 428 -1.51 8.74 4.92
CA ASP A 428 -0.44 8.83 5.89
C ASP A 428 0.05 10.26 6.03
N ILE A 429 0.28 10.92 4.90
CA ILE A 429 0.79 12.28 4.90
C ILE A 429 -0.26 13.27 5.40
N LEU A 430 -1.53 13.01 5.09
CA LEU A 430 -2.60 13.86 5.59
C LEU A 430 -2.60 13.79 7.11
N ARG A 431 -2.57 12.58 7.65
CA ARG A 431 -2.51 12.37 9.09
C ARG A 431 -1.36 13.16 9.71
N THR A 432 -0.18 13.05 9.11
CA THR A 432 1.02 13.71 9.61
C THR A 432 0.87 15.23 9.57
N THR A 433 0.21 15.74 8.54
CA THR A 433 -0.06 17.16 8.40
C THR A 433 -1.08 17.59 9.44
N VAL A 434 -2.06 16.72 9.68
CA VAL A 434 -3.04 16.94 10.73
C VAL A 434 -2.35 17.04 12.09
N GLN A 435 -1.29 16.26 12.26
CA GLN A 435 -0.54 16.24 13.52
C GLN A 435 0.36 17.47 13.66
N GLU A 436 0.69 18.08 12.53
CA GLU A 436 1.50 19.29 12.53
C GLU A 436 0.71 20.50 13.02
N LEU A 437 -0.33 20.89 12.28
CA LEU A 437 -1.13 22.05 12.63
C LEU A 437 -1.79 21.91 14.00
N LYS A 438 -1.83 20.69 14.52
CA LYS A 438 -2.37 20.45 15.86
C LYS A 438 -1.23 20.45 16.89
N SER A 439 -0.36 21.45 16.78
CA SER A 439 0.76 21.60 17.71
C SER A 439 1.08 23.07 17.93
N GLU A 440 0.86 23.53 19.16
CA GLU A 440 1.09 24.93 19.50
C GLU A 440 2.59 25.25 19.58
N GLY A 464 26.83 30.18 8.51
CA GLY A 464 28.13 29.55 8.69
C GLY A 464 28.45 28.56 7.59
N VAL A 465 29.74 28.29 7.40
CA VAL A 465 30.20 27.37 6.37
C VAL A 465 29.89 25.92 6.71
N ALA A 466 28.87 25.36 6.06
CA ALA A 466 28.45 23.99 6.30
C ALA A 466 29.17 23.01 5.38
N ASP A 467 30.27 23.49 4.79
CA ASP A 467 31.09 22.67 3.91
C ASP A 467 31.84 21.60 4.70
N LYS A 468 32.29 21.97 5.90
CA LYS A 468 33.12 21.10 6.72
C LYS A 468 32.32 19.94 7.34
N LEU A 469 31.00 20.05 7.32
CA LEU A 469 30.14 19.06 7.96
C LEU A 469 29.90 17.86 7.05
N ILE A 470 29.76 18.12 5.76
CA ILE A 470 29.49 17.06 4.79
C ILE A 470 30.59 15.99 4.78
N VAL A 471 31.84 16.44 4.88
CA VAL A 471 32.99 15.53 4.87
C VAL A 471 32.92 14.55 6.04
N GLY A 472 32.29 14.98 7.13
CA GLY A 472 32.19 14.17 8.33
C GLY A 472 31.43 12.88 8.14
N PHE A 473 30.24 12.95 7.56
CA PHE A 473 29.42 11.77 7.35
C PHE A 473 29.87 10.94 6.15
N LEU A 474 30.89 11.43 5.44
CA LEU A 474 31.51 10.67 4.37
C LEU A 474 32.58 9.76 4.95
N ASP A 475 33.34 10.29 5.91
CA ASP A 475 34.37 9.51 6.58
C ASP A 475 33.74 8.46 7.47
N ALA A 476 32.49 8.72 7.88
CA ALA A 476 31.78 7.84 8.80
C ALA A 476 31.24 6.60 8.10
N LEU A 477 31.52 6.47 6.80
CA LEU A 477 31.08 5.33 6.03
C LEU A 477 32.12 4.22 6.08
N TYR A 478 33.14 4.41 6.90
CA TYR A 478 34.22 3.44 7.03
C TYR A 478 34.77 3.41 8.47
N LYS A 479 34.09 2.70 9.34
CA LYS A 479 34.51 2.58 10.73
C LYS A 479 34.41 1.14 11.23
N SER B 30 13.06 4.49 26.46
CA SER B 30 13.14 4.09 27.86
C SER B 30 12.41 2.78 28.11
N GLN B 31 11.98 2.59 29.35
CA GLN B 31 11.17 1.43 29.72
C GLN B 31 9.85 1.87 30.35
N LEU B 32 8.80 1.06 30.13
CA LEU B 32 7.49 1.37 30.65
C LEU B 32 7.28 0.78 32.04
N MET B 33 6.53 1.49 32.88
CA MET B 33 6.29 1.05 34.25
C MET B 33 5.03 0.20 34.35
N ASN B 34 5.14 -0.94 35.04
CA ASN B 34 3.99 -1.82 35.25
C ASN B 34 3.45 -1.67 36.67
N PHE B 35 2.20 -2.07 36.86
CA PHE B 35 1.54 -1.92 38.15
C PHE B 35 0.84 -3.19 38.61
N PRO B 36 1.50 -3.96 39.49
CA PRO B 36 0.89 -5.15 40.10
C PRO B 36 -0.28 -4.75 40.98
N GLN B 37 -0.28 -3.50 41.45
CA GLN B 37 -1.35 -3.00 42.30
C GLN B 37 -1.37 -1.47 42.31
N LEU B 38 -2.42 -0.90 42.89
CA LEU B 38 -2.60 0.54 42.93
C LEU B 38 -1.39 1.25 43.54
N PRO B 39 -0.96 2.36 42.90
CA PRO B 39 0.16 3.17 43.36
C PRO B 39 -0.12 3.78 44.73
N SER B 40 0.93 4.08 45.48
CA SER B 40 0.78 4.77 46.76
C SER B 40 0.02 6.07 46.54
N ASN B 41 0.52 6.89 45.63
CA ASN B 41 -0.14 8.13 45.26
C ASN B 41 -0.51 8.13 43.78
N GLY B 42 -1.70 8.63 43.48
CA GLY B 42 -2.17 8.70 42.11
C GLY B 42 -1.25 9.56 41.26
N ILE B 43 -0.87 9.03 40.09
CA ILE B 43 0.01 9.76 39.20
C ILE B 43 -0.77 10.76 38.36
N PRO B 44 -0.21 11.96 38.15
CA PRO B 44 -0.88 13.03 37.40
C PRO B 44 -1.36 12.52 36.03
N GLN B 45 -2.38 13.16 35.48
CA GLN B 45 -2.88 12.79 34.17
C GLN B 45 -1.74 12.83 33.15
N ASP B 46 -0.85 13.80 33.30
CA ASP B 46 0.27 13.97 32.38
C ASP B 46 1.21 12.76 32.38
N ASP B 47 1.50 12.24 33.56
CA ASP B 47 2.36 11.07 33.68
C ASP B 47 1.66 9.82 33.17
N VAL B 48 0.36 9.94 32.91
CA VAL B 48 -0.44 8.82 32.43
C VAL B 48 -0.41 8.71 30.91
N ILE B 49 -0.79 9.78 30.23
CA ILE B 49 -0.85 9.78 28.77
C ILE B 49 0.55 9.55 28.19
N GLU B 50 1.56 9.96 28.93
CA GLU B 50 2.94 9.68 28.54
C GLU B 50 3.14 8.17 28.50
N GLU B 51 2.63 7.50 29.53
CA GLU B 51 2.71 6.04 29.61
C GLU B 51 1.79 5.39 28.58
N LEU B 52 0.65 6.03 28.32
CA LEU B 52 -0.28 5.55 27.31
C LEU B 52 0.38 5.55 25.94
N ASN B 53 1.37 6.43 25.77
CA ASN B 53 2.13 6.49 24.52
C ASN B 53 3.35 5.58 24.55
N LYS B 54 4.05 5.57 25.70
CA LYS B 54 5.17 4.66 25.87
C LYS B 54 4.73 3.24 25.53
N LEU B 55 3.49 2.92 25.86
CA LEU B 55 2.93 1.60 25.58
C LEU B 55 2.79 1.35 24.08
N ASN B 56 2.19 2.30 23.37
CA ASN B 56 2.05 2.20 21.93
C ASN B 56 3.40 2.18 21.23
N ASP B 57 4.28 3.08 21.66
CA ASP B 57 5.59 3.25 21.04
C ASP B 57 6.50 2.05 21.28
N LEU B 58 6.57 1.60 22.53
CA LEU B 58 7.48 0.53 22.91
C LEU B 58 7.03 -0.86 22.48
N ILE B 59 6.26 -1.52 23.34
CA ILE B 59 5.84 -2.90 23.08
C ILE B 59 5.26 -3.08 21.68
N PRO B 60 6.01 -3.77 20.81
CA PRO B 60 5.68 -3.98 19.39
C PRO B 60 4.37 -4.72 19.20
N HIS B 61 3.82 -4.63 17.99
CA HIS B 61 2.54 -5.25 17.67
C HIS B 61 2.35 -5.37 16.17
N THR B 62 1.28 -6.02 15.76
CA THR B 62 0.94 -6.16 14.34
C THR B 62 0.52 -4.81 13.77
N GLN B 63 1.12 -4.43 12.64
CA GLN B 63 0.85 -3.14 12.02
C GLN B 63 -0.45 -3.13 11.22
N TRP B 64 -1.55 -2.89 11.92
CA TRP B 64 -2.86 -2.81 11.29
C TRP B 64 -2.98 -1.53 10.48
N LYS B 65 -2.32 -0.48 10.95
CA LYS B 65 -2.33 0.81 10.26
C LYS B 65 -1.82 0.70 8.83
N GLU B 66 -1.04 -0.34 8.57
CA GLU B 66 -0.46 -0.57 7.25
C GLU B 66 -1.26 -1.61 6.47
N GLY B 67 -2.48 -1.86 6.92
CA GLY B 67 -3.35 -2.81 6.26
C GLY B 67 -2.76 -4.21 6.15
N LYS B 68 -2.29 -4.73 7.27
CA LYS B 68 -1.68 -6.06 7.29
C LYS B 68 -2.52 -7.06 8.09
N VAL B 69 -3.71 -6.62 8.52
CA VAL B 69 -4.58 -7.49 9.30
C VAL B 69 -5.95 -7.66 8.65
N SER B 70 -6.37 -8.93 8.53
CA SER B 70 -7.67 -9.24 7.96
C SER B 70 -8.75 -9.18 9.04
N GLY B 71 -9.22 -7.98 9.32
CA GLY B 71 -10.23 -7.76 10.35
C GLY B 71 -9.73 -6.79 11.40
N ALA B 72 -10.16 -7.01 12.64
CA ALA B 72 -9.76 -6.15 13.76
C ALA B 72 -10.15 -4.70 13.52
N VAL B 73 -9.22 -3.92 12.95
CA VAL B 73 -9.50 -2.53 12.59
C VAL B 73 -10.07 -2.46 11.19
N TYR B 74 -11.22 -1.81 11.05
CA TYR B 74 -11.91 -1.76 9.76
C TYR B 74 -11.79 -0.40 9.06
N HIS B 75 -11.44 0.64 9.83
CA HIS B 75 -11.27 1.97 9.25
C HIS B 75 -9.89 2.53 9.61
N GLY B 76 -9.76 3.04 10.82
CA GLY B 76 -8.48 3.53 11.32
C GLY B 76 -8.23 5.00 11.02
N GLY B 77 -9.19 5.64 10.37
CA GLY B 77 -9.05 7.04 10.00
C GLY B 77 -8.89 7.95 11.20
N ASP B 78 -7.74 8.63 11.26
CA ASP B 78 -7.46 9.55 12.36
C ASP B 78 -8.60 10.55 12.57
N ASP B 79 -9.18 11.02 11.47
CA ASP B 79 -10.26 11.99 11.53
C ASP B 79 -11.52 11.38 12.13
N LEU B 80 -11.90 10.21 11.65
CA LEU B 80 -13.09 9.52 12.15
C LEU B 80 -12.97 9.26 13.64
N ILE B 81 -11.84 8.67 14.04
CA ILE B 81 -11.58 8.40 15.45
C ILE B 81 -11.82 9.65 16.31
N HIS B 82 -11.30 10.78 15.84
CA HIS B 82 -11.43 12.03 16.59
C HIS B 82 -12.90 12.39 16.85
N LEU B 83 -13.76 12.13 15.87
CA LEU B 83 -15.18 12.38 16.02
C LEU B 83 -15.71 11.58 17.20
N GLN B 84 -15.70 10.26 17.05
CA GLN B 84 -16.20 9.37 18.09
C GLN B 84 -15.47 9.53 19.41
N THR B 85 -14.35 10.24 19.39
CA THR B 85 -13.61 10.54 20.60
C THR B 85 -14.24 11.68 21.38
N ILE B 86 -14.54 12.78 20.68
CA ILE B 86 -15.18 13.92 21.32
C ILE B 86 -16.63 13.59 21.66
N ALA B 87 -17.26 12.76 20.82
CA ALA B 87 -18.60 12.27 21.09
C ALA B 87 -18.58 11.45 22.36
N TYR B 88 -17.53 10.66 22.52
CA TYR B 88 -17.33 9.88 23.74
C TYR B 88 -17.31 10.80 24.95
N GLU B 89 -16.59 11.91 24.82
CA GLU B 89 -16.43 12.86 25.92
C GLU B 89 -17.76 13.50 26.29
N LYS B 90 -18.57 13.81 25.29
CA LYS B 90 -19.88 14.41 25.52
C LYS B 90 -20.78 13.46 26.31
N TYR B 91 -20.71 12.17 25.98
CA TYR B 91 -21.58 11.18 26.60
C TYR B 91 -20.78 10.10 27.30
N CYS B 92 -19.73 10.51 28.00
CA CYS B 92 -18.86 9.58 28.70
C CYS B 92 -19.59 8.86 29.83
N VAL B 93 -20.44 9.58 30.53
CA VAL B 93 -21.16 9.04 31.68
C VAL B 93 -22.42 8.29 31.27
N ALA B 94 -22.86 8.50 30.03
CA ALA B 94 -24.10 7.93 29.53
C ALA B 94 -24.25 6.45 29.87
N ASN B 95 -25.43 6.10 30.38
CA ASN B 95 -25.75 4.71 30.71
C ASN B 95 -27.18 4.40 30.29
N GLN B 96 -27.34 3.52 29.32
CA GLN B 96 -28.63 3.21 28.75
C GLN B 96 -29.60 2.62 29.76
N LEU B 97 -29.10 2.28 30.94
CA LEU B 97 -29.93 1.77 32.03
C LEU B 97 -30.90 2.85 32.52
N HIS B 98 -30.56 4.10 32.26
CA HIS B 98 -31.33 5.22 32.77
C HIS B 98 -31.71 6.20 31.67
N PRO B 99 -32.77 5.89 30.92
CA PRO B 99 -33.27 6.74 29.83
C PRO B 99 -33.76 8.08 30.36
N ASP B 100 -34.31 8.08 31.56
CA ASP B 100 -34.81 9.31 32.18
C ASP B 100 -33.68 10.28 32.48
N VAL B 101 -32.47 9.75 32.61
CA VAL B 101 -31.30 10.57 32.90
C VAL B 101 -30.55 10.90 31.61
N PHE B 102 -30.53 9.96 30.68
CA PHE B 102 -29.85 10.15 29.40
C PHE B 102 -30.81 9.91 28.23
N PRO B 103 -31.71 10.87 27.99
CA PRO B 103 -32.73 10.77 26.94
C PRO B 103 -32.15 10.82 25.53
N ALA B 104 -31.16 11.69 25.33
CA ALA B 104 -30.52 11.84 24.03
C ALA B 104 -30.01 10.49 23.53
N VAL B 105 -29.41 9.73 24.44
CA VAL B 105 -28.91 8.39 24.11
C VAL B 105 -30.06 7.49 23.66
N ARG B 106 -31.20 7.62 24.33
CA ARG B 106 -32.38 6.88 23.94
C ARG B 106 -32.79 7.26 22.52
N LYS B 107 -32.85 8.56 22.27
CA LYS B 107 -33.25 9.07 20.96
C LYS B 107 -32.28 8.64 19.87
N MET B 108 -31.01 8.54 20.21
CA MET B 108 -29.98 8.18 19.23
C MET B 108 -29.97 6.69 18.92
N GLU B 109 -30.39 5.87 19.89
CA GLU B 109 -30.52 4.43 19.66
C GLU B 109 -31.70 4.13 18.75
N SER B 110 -32.84 4.73 19.06
CA SER B 110 -34.04 4.56 18.25
C SER B 110 -33.78 4.95 16.81
N GLU B 111 -32.85 5.88 16.61
CA GLU B 111 -32.48 6.31 15.26
C GLU B 111 -31.54 5.31 14.60
N VAL B 112 -30.50 4.90 15.32
CA VAL B 112 -29.54 3.94 14.81
C VAL B 112 -30.23 2.68 14.30
N VAL B 113 -31.01 2.05 15.17
CA VAL B 113 -31.76 0.85 14.80
C VAL B 113 -32.66 1.14 13.60
N SER B 114 -33.23 2.33 13.57
CA SER B 114 -34.13 2.73 12.49
C SER B 114 -33.40 2.78 11.15
N MET B 115 -32.20 3.33 11.14
CA MET B 115 -31.43 3.47 9.91
C MET B 115 -30.97 2.12 9.40
N VAL B 116 -30.52 1.26 10.31
CA VAL B 116 -30.07 -0.08 9.97
C VAL B 116 -31.23 -0.92 9.41
N LEU B 117 -32.43 -0.69 9.93
CA LEU B 117 -33.61 -1.40 9.47
C LEU B 117 -33.92 -1.09 8.01
N ARG B 118 -33.64 0.15 7.60
CA ARG B 118 -33.92 0.57 6.23
C ARG B 118 -32.91 0.02 5.25
N MET B 119 -31.70 -0.27 5.73
CA MET B 119 -30.66 -0.83 4.89
C MET B 119 -31.00 -2.26 4.49
N PHE B 120 -31.75 -2.94 5.36
CA PHE B 120 -32.13 -4.32 5.11
C PHE B 120 -33.61 -4.42 4.71
N ASN B 121 -34.23 -3.27 4.52
CA ASN B 121 -35.61 -3.22 4.03
C ASN B 121 -36.58 -4.00 4.89
N ALA B 122 -36.50 -3.81 6.19
CA ALA B 122 -37.43 -4.43 7.13
C ALA B 122 -38.81 -3.81 6.93
N PRO B 123 -39.87 -4.55 7.32
CA PRO B 123 -41.23 -4.04 7.21
C PRO B 123 -41.35 -2.66 7.85
N SER B 124 -41.66 -1.64 7.05
CA SER B 124 -41.82 -0.29 7.55
C SER B 124 -43.01 -0.21 8.50
N ASP B 125 -43.68 -1.35 8.69
CA ASP B 125 -44.86 -1.42 9.54
C ASP B 125 -44.52 -2.06 10.89
N THR B 126 -44.33 -3.38 10.88
CA THR B 126 -44.06 -4.13 12.10
C THR B 126 -42.56 -4.34 12.31
N GLY B 127 -41.76 -3.97 11.32
CA GLY B 127 -40.33 -4.15 11.38
C GLY B 127 -39.68 -3.40 12.52
N CYS B 128 -39.31 -4.13 13.57
CA CYS B 128 -38.69 -3.53 14.75
C CYS B 128 -37.21 -3.89 14.81
N GLY B 129 -36.58 -3.60 15.94
CA GLY B 129 -35.17 -3.91 16.14
C GLY B 129 -34.67 -3.59 17.52
N THR B 130 -33.39 -3.85 17.75
CA THR B 130 -32.76 -3.61 19.04
C THR B 130 -31.23 -3.55 18.91
N THR B 131 -30.58 -2.97 19.90
CA THR B 131 -29.13 -2.79 19.86
C THR B 131 -28.41 -3.74 20.81
N THR B 132 -27.18 -4.10 20.46
CA THR B 132 -26.37 -5.00 21.30
C THR B 132 -24.93 -4.56 21.39
N SER B 133 -24.14 -5.28 22.19
CA SER B 133 -22.73 -4.96 22.37
C SER B 133 -21.90 -5.51 21.22
N GLY B 134 -21.37 -6.71 21.38
CA GLY B 134 -20.61 -7.35 20.33
C GLY B 134 -21.52 -8.09 19.37
N GLY B 135 -20.98 -8.46 18.21
CA GLY B 135 -21.74 -9.22 17.23
C GLY B 135 -22.19 -10.56 17.80
N THR B 136 -21.49 -11.00 18.85
CA THR B 136 -21.81 -12.26 19.50
C THR B 136 -23.12 -12.17 20.27
N GLU B 137 -23.29 -11.11 21.04
CA GLU B 137 -24.51 -10.92 21.83
C GLU B 137 -25.73 -10.88 20.91
N SER B 138 -25.56 -10.31 19.72
CA SER B 138 -26.64 -10.21 18.76
C SER B 138 -27.16 -11.59 18.34
N LEU B 139 -26.25 -12.52 18.16
CA LEU B 139 -26.62 -13.90 17.77
C LEU B 139 -27.32 -14.62 18.90
N LEU B 140 -26.81 -14.46 20.11
CA LEU B 140 -27.37 -15.11 21.28
C LEU B 140 -28.81 -14.64 21.54
N LEU B 141 -29.08 -13.39 21.20
CA LEU B 141 -30.42 -12.83 21.42
C LEU B 141 -31.41 -13.34 20.39
N ALA B 142 -30.92 -13.66 19.20
CA ALA B 142 -31.77 -14.26 18.17
C ALA B 142 -32.05 -15.72 18.53
N CYS B 143 -31.10 -16.34 19.20
CA CYS B 143 -31.23 -17.73 19.63
C CYS B 143 -32.17 -17.85 20.82
N LEU B 144 -31.99 -16.97 21.80
CA LEU B 144 -32.87 -16.94 22.96
C LEU B 144 -34.30 -16.62 22.53
N SER B 145 -34.41 -15.79 21.49
CA SER B 145 -35.71 -15.42 20.94
C SER B 145 -36.48 -16.65 20.47
N ALA B 146 -35.80 -17.52 19.75
CA ALA B 146 -36.43 -18.72 19.20
C ALA B 146 -36.66 -19.78 20.28
N LYS B 147 -35.73 -19.87 21.23
CA LYS B 147 -35.84 -20.84 22.31
C LYS B 147 -37.10 -20.59 23.14
N MET B 148 -37.25 -19.37 23.61
CA MET B 148 -38.38 -19.01 24.46
C MET B 148 -39.64 -18.73 23.64
N TYR B 149 -39.53 -18.88 22.32
CA TYR B 149 -40.68 -18.75 21.44
C TYR B 149 -41.30 -20.11 21.17
N ALA B 150 -40.47 -21.04 20.68
CA ALA B 150 -40.93 -22.40 20.42
C ALA B 150 -41.27 -23.10 21.73
N LEU B 151 -40.73 -22.57 22.83
CA LEU B 151 -41.01 -23.11 24.15
C LEU B 151 -42.27 -22.45 24.71
N HIS B 152 -42.90 -21.62 23.90
CA HIS B 152 -44.11 -20.91 24.30
C HIS B 152 -45.28 -21.28 23.39
N HIS B 153 -44.97 -21.62 22.15
CA HIS B 153 -46.01 -21.99 21.18
C HIS B 153 -45.97 -23.48 20.86
N ARG B 154 -44.93 -24.15 21.32
CA ARG B 154 -44.78 -25.58 21.08
C ARG B 154 -44.32 -26.30 22.34
N GLY B 155 -43.85 -25.52 23.33
CA GLY B 155 -43.37 -26.07 24.57
C GLY B 155 -42.29 -27.11 24.35
N ILE B 156 -41.25 -26.74 23.61
CA ILE B 156 -40.15 -27.64 23.32
C ILE B 156 -39.15 -27.67 24.47
N THR B 157 -39.14 -28.77 25.21
CA THR B 157 -38.23 -28.92 26.34
C THR B 157 -36.80 -29.13 25.88
N GLU B 158 -36.64 -29.56 24.62
CA GLU B 158 -35.32 -29.82 24.07
C GLU B 158 -35.06 -29.00 22.81
N PRO B 159 -34.78 -27.71 22.99
CA PRO B 159 -34.49 -26.81 21.87
C PRO B 159 -33.42 -27.39 20.95
N GLU B 160 -33.55 -27.16 19.65
CA GLU B 160 -32.59 -27.67 18.67
C GLU B 160 -32.35 -26.66 17.55
N ILE B 161 -31.12 -26.15 17.49
CA ILE B 161 -30.75 -25.18 16.47
C ILE B 161 -29.87 -25.81 15.41
N ILE B 162 -30.17 -25.54 14.14
CA ILE B 162 -29.38 -26.09 13.04
C ILE B 162 -28.78 -24.98 12.17
N ALA B 163 -27.51 -25.12 11.84
CA ALA B 163 -26.81 -24.10 11.07
C ALA B 163 -25.61 -24.70 10.32
N PRO B 164 -25.19 -24.04 9.23
CA PRO B 164 -24.05 -24.50 8.43
C PRO B 164 -22.79 -24.64 9.28
N VAL B 165 -21.86 -25.48 8.85
CA VAL B 165 -20.58 -25.59 9.54
C VAL B 165 -19.77 -24.33 9.33
N THR B 166 -20.14 -23.56 8.30
CA THR B 166 -19.46 -22.31 7.98
C THR B 166 -20.04 -21.16 8.78
N ALA B 167 -20.92 -21.47 9.72
CA ALA B 167 -21.54 -20.46 10.58
C ALA B 167 -20.50 -19.79 11.47
N HIS B 168 -20.98 -19.09 12.49
CA HIS B 168 -20.10 -18.42 13.43
C HIS B 168 -20.16 -19.09 14.80
N ALA B 169 -19.09 -18.93 15.58
CA ALA B 169 -19.03 -19.52 16.91
C ALA B 169 -20.12 -18.97 17.81
N GLY B 170 -20.69 -17.83 17.42
CA GLY B 170 -21.76 -17.21 18.17
C GLY B 170 -22.97 -18.13 18.31
N PHE B 171 -23.16 -18.98 17.30
CA PHE B 171 -24.27 -19.93 17.32
C PHE B 171 -23.90 -21.15 18.15
N ASP B 172 -22.61 -21.45 18.19
CA ASP B 172 -22.11 -22.59 18.95
C ASP B 172 -22.12 -22.27 20.45
N LYS B 173 -22.05 -20.99 20.77
CA LYS B 173 -22.11 -20.53 22.16
C LYS B 173 -23.51 -20.68 22.73
N ALA B 174 -24.50 -20.19 21.99
CA ALA B 174 -25.89 -20.23 22.43
C ALA B 174 -26.32 -21.64 22.84
N ALA B 175 -25.91 -22.63 22.05
CA ALA B 175 -26.23 -24.03 22.36
C ALA B 175 -25.59 -24.46 23.68
N TYR B 176 -24.39 -23.94 23.93
CA TYR B 176 -23.65 -24.26 25.15
C TYR B 176 -24.26 -23.59 26.38
N TYR B 177 -24.59 -22.30 26.24
CA TYR B 177 -25.15 -21.53 27.36
C TYR B 177 -26.62 -21.90 27.62
N PHE B 178 -27.45 -21.77 26.60
CA PHE B 178 -28.88 -22.04 26.73
C PHE B 178 -29.17 -23.54 26.76
N GLY B 179 -28.13 -24.36 26.63
CA GLY B 179 -28.28 -25.79 26.67
C GLY B 179 -29.07 -26.34 25.49
N MET B 180 -28.97 -25.67 24.36
CA MET B 180 -29.66 -26.09 23.14
C MET B 180 -28.83 -27.10 22.35
N LYS B 181 -29.47 -27.79 21.42
CA LYS B 181 -28.79 -28.77 20.59
C LYS B 181 -28.43 -28.19 19.23
N LEU B 182 -27.13 -27.95 19.01
CA LEU B 182 -26.65 -27.41 17.74
C LEU B 182 -26.27 -28.52 16.77
N ARG B 183 -26.90 -28.52 15.60
CA ARG B 183 -26.60 -29.52 14.57
C ARG B 183 -26.00 -28.88 13.33
N HIS B 184 -24.77 -29.28 13.02
CA HIS B 184 -24.05 -28.73 11.87
C HIS B 184 -24.47 -29.41 10.57
N VAL B 185 -24.55 -28.63 9.50
CA VAL B 185 -24.88 -29.17 8.19
C VAL B 185 -23.80 -28.86 7.16
N GLU B 186 -23.40 -29.88 6.40
CA GLU B 186 -22.32 -29.74 5.43
C GLU B 186 -22.72 -28.84 4.26
N LEU B 187 -21.78 -28.60 3.35
CA LEU B 187 -21.98 -27.65 2.26
C LEU B 187 -21.83 -28.29 0.88
N ASP B 188 -22.08 -27.50 -0.15
CA ASP B 188 -21.93 -27.93 -1.53
C ASP B 188 -20.47 -27.77 -1.96
N PRO B 189 -19.80 -28.90 -2.24
CA PRO B 189 -18.37 -28.92 -2.58
C PRO B 189 -17.99 -28.01 -3.74
N THR B 190 -18.97 -27.58 -4.54
CA THR B 190 -18.67 -26.75 -5.70
C THR B 190 -18.85 -25.25 -5.45
N THR B 191 -20.02 -24.87 -4.95
CA THR B 191 -20.31 -23.45 -4.71
C THR B 191 -19.97 -23.04 -3.28
N TYR B 192 -19.72 -24.05 -2.44
CA TYR B 192 -19.37 -23.81 -1.04
C TYR B 192 -20.50 -23.13 -0.26
N GLN B 193 -21.67 -23.04 -0.89
CA GLN B 193 -22.86 -22.56 -0.19
C GLN B 193 -23.38 -23.68 0.71
N VAL B 194 -24.61 -23.55 1.17
CA VAL B 194 -25.20 -24.56 2.03
C VAL B 194 -26.15 -25.48 1.25
N ASP B 195 -26.09 -26.77 1.56
CA ASP B 195 -26.95 -27.75 0.91
C ASP B 195 -28.36 -27.70 1.52
N LEU B 196 -29.29 -27.07 0.81
CA LEU B 196 -30.64 -26.87 1.30
C LEU B 196 -31.43 -28.18 1.40
N GLY B 197 -30.79 -29.28 0.99
CA GLY B 197 -31.42 -30.58 1.05
C GLY B 197 -31.10 -31.31 2.34
N LYS B 198 -29.82 -31.30 2.72
CA LYS B 198 -29.39 -31.95 3.95
C LYS B 198 -30.06 -31.35 5.17
N VAL B 199 -30.40 -30.07 5.07
CA VAL B 199 -31.08 -29.38 6.18
C VAL B 199 -32.48 -29.92 6.39
N LYS B 200 -33.16 -30.25 5.29
CA LYS B 200 -34.51 -30.79 5.35
C LYS B 200 -34.52 -32.09 6.15
N LYS B 201 -33.42 -32.83 6.09
CA LYS B 201 -33.32 -34.11 6.78
C LYS B 201 -33.09 -33.93 8.28
N PHE B 202 -33.12 -32.69 8.74
CA PHE B 202 -32.88 -32.41 10.15
C PHE B 202 -34.06 -31.70 10.81
N ILE B 203 -35.10 -31.40 10.04
CA ILE B 203 -36.30 -30.79 10.59
C ILE B 203 -36.97 -31.74 11.58
N ASN B 204 -37.00 -31.32 12.85
CA ASN B 204 -37.57 -32.15 13.91
C ASN B 204 -38.65 -31.41 14.68
N LYS B 205 -39.23 -32.08 15.67
CA LYS B 205 -40.21 -31.46 16.55
C LYS B 205 -39.48 -30.60 17.57
N ASN B 206 -38.16 -30.59 17.50
CA ASN B 206 -37.33 -29.83 18.41
C ASN B 206 -36.63 -28.66 17.74
N THR B 207 -36.63 -28.66 16.41
CA THR B 207 -36.01 -27.58 15.65
C THR B 207 -36.74 -26.27 15.91
N VAL B 208 -35.97 -25.24 16.30
CA VAL B 208 -36.57 -23.97 16.71
C VAL B 208 -36.17 -22.81 15.80
N LEU B 209 -35.14 -23.02 14.98
CA LEU B 209 -34.66 -21.97 14.09
C LEU B 209 -33.62 -22.50 13.11
N LEU B 210 -33.58 -21.90 11.92
CA LEU B 210 -32.55 -22.23 10.93
C LEU B 210 -31.73 -20.99 10.60
N VAL B 211 -30.43 -21.17 10.46
CA VAL B 211 -29.51 -20.05 10.25
C VAL B 211 -28.93 -20.04 8.84
N GLY B 212 -28.60 -18.84 8.35
CA GLY B 212 -27.99 -18.69 7.05
C GLY B 212 -26.96 -17.57 7.04
N SER B 213 -25.70 -17.93 7.27
CA SER B 213 -24.62 -16.95 7.29
C SER B 213 -24.52 -16.22 5.96
N ALA B 214 -24.58 -14.90 5.99
CA ALA B 214 -24.53 -14.09 4.78
C ALA B 214 -23.92 -12.72 5.01
N PRO B 215 -22.60 -12.58 4.79
CA PRO B 215 -21.74 -13.71 4.42
C PRO B 215 -21.23 -14.42 5.66
N ASN B 216 -20.67 -15.62 5.49
CA ASN B 216 -20.06 -16.33 6.60
C ASN B 216 -18.66 -15.81 6.86
N PHE B 217 -18.13 -16.09 8.05
CA PHE B 217 -16.81 -15.63 8.42
C PHE B 217 -15.68 -16.37 7.71
N PRO B 218 -15.77 -17.72 7.67
CA PRO B 218 -14.69 -18.51 7.06
C PRO B 218 -14.37 -18.16 5.61
N HIS B 219 -15.36 -18.15 4.73
CA HIS B 219 -15.10 -18.01 3.31
C HIS B 219 -15.69 -16.76 2.68
N GLY B 220 -16.41 -15.97 3.47
CA GLY B 220 -17.00 -14.74 2.99
C GLY B 220 -17.92 -14.94 1.79
N ILE B 221 -18.67 -16.04 1.81
CA ILE B 221 -19.61 -16.35 0.73
C ILE B 221 -21.03 -16.47 1.27
N ALA B 222 -21.94 -15.69 0.71
CA ALA B 222 -23.32 -15.68 1.16
C ALA B 222 -24.05 -16.97 0.79
N ASP B 223 -24.56 -17.67 1.79
CA ASP B 223 -25.34 -18.88 1.58
C ASP B 223 -26.60 -18.54 0.80
N ASP B 224 -27.26 -19.57 0.27
CA ASP B 224 -28.48 -19.36 -0.50
C ASP B 224 -29.60 -18.85 0.42
N ILE B 225 -29.79 -17.54 0.44
CA ILE B 225 -30.80 -16.93 1.29
C ILE B 225 -32.09 -16.64 0.52
N GLU B 226 -31.94 -16.17 -0.71
CA GLU B 226 -33.09 -15.85 -1.55
C GLU B 226 -34.00 -17.06 -1.71
N GLY B 227 -33.40 -18.25 -1.73
CA GLY B 227 -34.15 -19.49 -1.84
C GLY B 227 -34.30 -20.17 -0.50
N LEU B 228 -33.90 -19.47 0.57
CA LEU B 228 -33.99 -20.00 1.91
C LEU B 228 -35.16 -19.37 2.67
N GLY B 229 -35.68 -18.27 2.12
CA GLY B 229 -36.84 -17.62 2.69
C GLY B 229 -38.11 -18.29 2.23
N LYS B 230 -37.95 -19.36 1.46
CA LYS B 230 -39.08 -20.15 0.98
C LYS B 230 -39.25 -21.39 1.86
N ILE B 231 -38.12 -22.00 2.23
CA ILE B 231 -38.13 -23.17 3.09
C ILE B 231 -38.57 -22.82 4.51
N ALA B 232 -38.17 -21.64 4.96
CA ALA B 232 -38.55 -21.16 6.29
C ALA B 232 -40.06 -21.10 6.41
N GLN B 233 -40.72 -20.69 5.32
CA GLN B 233 -42.17 -20.59 5.29
C GLN B 233 -42.81 -21.97 5.28
N LYS B 234 -42.08 -22.95 4.79
CA LYS B 234 -42.60 -24.32 4.69
C LYS B 234 -42.78 -24.95 6.06
N TYR B 235 -41.73 -24.93 6.88
CA TYR B 235 -41.78 -25.52 8.22
C TYR B 235 -41.99 -24.46 9.30
N LYS B 236 -42.60 -23.35 8.92
CA LYS B 236 -42.90 -22.24 9.84
C LYS B 236 -41.79 -21.92 10.83
N LEU B 237 -40.54 -22.15 10.42
CA LEU B 237 -39.39 -21.90 11.29
C LEU B 237 -38.81 -20.51 11.09
N PRO B 238 -38.29 -19.92 12.18
CA PRO B 238 -37.61 -18.61 12.13
C PRO B 238 -36.33 -18.69 11.32
N LEU B 239 -36.10 -17.70 10.46
CA LEU B 239 -34.89 -17.67 9.65
C LEU B 239 -34.00 -16.50 10.06
N HIS B 240 -32.78 -16.83 10.49
CA HIS B 240 -31.83 -15.80 10.92
C HIS B 240 -30.65 -15.67 9.96
N VAL B 241 -30.36 -14.43 9.57
CA VAL B 241 -29.24 -14.16 8.66
C VAL B 241 -28.08 -13.52 9.41
N ASP B 242 -26.94 -14.20 9.45
CA ASP B 242 -25.76 -13.69 10.14
C ASP B 242 -24.98 -12.71 9.27
N SER B 243 -25.52 -11.50 9.13
CA SER B 243 -24.85 -10.47 8.35
C SER B 243 -23.92 -9.63 9.23
N CYS B 244 -23.49 -10.22 10.35
CA CYS B 244 -22.56 -9.54 11.25
C CYS B 244 -21.32 -9.09 10.50
N LEU B 245 -20.86 -9.91 9.56
CA LEU B 245 -19.66 -9.60 8.81
C LEU B 245 -19.96 -8.72 7.60
N GLY B 246 -21.09 -8.98 6.95
CA GLY B 246 -21.49 -8.21 5.78
C GLY B 246 -21.83 -6.77 6.11
N SER B 247 -22.63 -6.59 7.16
CA SER B 247 -23.04 -5.28 7.65
C SER B 247 -23.26 -4.23 6.55
N PHE B 248 -22.33 -3.28 6.45
CA PHE B 248 -22.50 -2.12 5.56
C PHE B 248 -21.86 -2.35 4.19
N ILE B 249 -21.75 -3.61 3.79
CA ILE B 249 -21.22 -3.95 2.49
C ILE B 249 -22.30 -4.59 1.63
N VAL B 250 -22.88 -5.67 2.14
CA VAL B 250 -23.92 -6.39 1.43
C VAL B 250 -25.08 -5.47 1.05
N SER B 251 -25.52 -4.66 2.02
CA SER B 251 -26.64 -3.74 1.81
C SER B 251 -26.33 -2.72 0.71
N PHE B 252 -25.09 -2.26 0.67
CA PHE B 252 -24.68 -1.24 -0.29
C PHE B 252 -24.13 -1.82 -1.59
N MET B 253 -24.15 -3.14 -1.71
CA MET B 253 -23.71 -3.80 -2.92
C MET B 253 -24.51 -3.31 -4.11
N GLU B 254 -25.79 -3.02 -3.86
CA GLU B 254 -26.70 -2.60 -4.91
C GLU B 254 -26.54 -1.13 -5.25
N LYS B 255 -26.26 -0.32 -4.23
CA LYS B 255 -26.10 1.12 -4.42
C LYS B 255 -24.69 1.44 -4.92
N ALA B 256 -23.80 0.45 -4.83
CA ALA B 256 -22.42 0.63 -5.28
C ALA B 256 -22.32 0.46 -6.78
N GLY B 257 -23.34 -0.14 -7.37
CA GLY B 257 -23.39 -0.36 -8.82
C GLY B 257 -23.01 -1.77 -9.22
N TYR B 258 -23.36 -2.73 -8.39
CA TYR B 258 -23.10 -4.14 -8.68
C TYR B 258 -24.38 -4.86 -9.07
N LYS B 259 -24.29 -5.72 -10.08
CA LYS B 259 -25.45 -6.47 -10.57
C LYS B 259 -25.36 -7.95 -10.20
N ASN B 260 -26.42 -8.68 -10.50
CA ASN B 260 -26.47 -10.11 -10.22
C ASN B 260 -26.22 -10.41 -8.74
N LEU B 261 -27.08 -9.88 -7.89
CA LEU B 261 -26.94 -10.04 -6.45
C LEU B 261 -28.19 -10.62 -5.82
N PRO B 262 -28.05 -11.76 -5.13
CA PRO B 262 -29.18 -12.42 -4.46
C PRO B 262 -29.77 -11.53 -3.37
N LEU B 263 -30.81 -12.02 -2.71
CA LEU B 263 -31.45 -11.29 -1.62
C LEU B 263 -30.93 -11.80 -0.29
N LEU B 264 -30.56 -10.87 0.60
CA LEU B 264 -29.97 -11.25 1.88
C LEU B 264 -30.66 -10.56 3.05
N ASP B 265 -31.94 -10.20 2.88
CA ASP B 265 -32.66 -9.49 3.93
C ASP B 265 -34.17 -9.70 3.94
N PHE B 266 -34.88 -8.72 4.51
CA PHE B 266 -36.31 -8.87 4.80
C PHE B 266 -37.21 -8.87 3.57
N ARG B 267 -36.69 -8.41 2.45
CA ARG B 267 -37.43 -8.51 1.20
C ARG B 267 -37.74 -9.97 0.92
N VAL B 268 -36.97 -10.84 1.56
CA VAL B 268 -37.26 -12.27 1.56
C VAL B 268 -38.25 -12.56 2.67
N PRO B 269 -39.52 -12.81 2.31
CA PRO B 269 -40.62 -12.98 3.27
C PRO B 269 -40.33 -14.03 4.34
N GLY B 270 -39.45 -14.98 4.04
CA GLY B 270 -39.12 -16.04 4.97
C GLY B 270 -38.11 -15.64 6.03
N VAL B 271 -37.52 -14.45 5.88
CA VAL B 271 -36.51 -13.97 6.81
C VAL B 271 -37.11 -13.45 8.11
N THR B 272 -36.67 -14.03 9.23
CA THR B 272 -37.15 -13.63 10.54
C THR B 272 -36.26 -12.55 11.16
N SER B 273 -35.08 -12.94 11.60
CA SER B 273 -34.15 -12.02 12.24
C SER B 273 -32.88 -11.83 11.41
N ILE B 274 -32.18 -10.72 11.64
CA ILE B 274 -30.96 -10.39 10.90
C ILE B 274 -29.95 -9.66 11.78
N SER B 275 -28.76 -10.24 11.94
CA SER B 275 -27.69 -9.61 12.70
C SER B 275 -26.88 -8.66 11.83
N CYS B 276 -26.14 -7.75 12.46
CA CYS B 276 -25.34 -6.78 11.74
C CYS B 276 -24.39 -6.03 12.69
N ASP B 277 -23.10 -6.16 12.46
CA ASP B 277 -22.11 -5.49 13.29
C ASP B 277 -21.73 -4.12 12.76
N THR B 278 -22.15 -3.08 13.49
CA THR B 278 -21.85 -1.72 13.12
C THR B 278 -20.40 -1.37 13.45
N HIS B 279 -19.83 -2.09 14.41
CA HIS B 279 -18.44 -1.85 14.80
C HIS B 279 -17.46 -2.46 13.80
N LYS B 280 -18.00 -3.22 12.85
CA LYS B 280 -17.17 -3.81 11.80
C LYS B 280 -17.12 -2.89 10.58
N TYR B 281 -17.99 -3.15 9.60
CA TYR B 281 -17.98 -2.36 8.37
C TYR B 281 -18.78 -1.07 8.47
N GLY B 282 -19.28 -0.78 9.67
CA GLY B 282 -19.94 0.48 9.93
C GLY B 282 -18.95 1.50 10.42
N PHE B 283 -17.77 1.00 10.82
CA PHE B 283 -16.69 1.84 11.32
C PHE B 283 -17.07 2.54 12.62
N ALA B 284 -18.14 2.05 13.25
CA ALA B 284 -18.56 2.56 14.55
C ALA B 284 -17.58 2.11 15.63
N PRO B 285 -17.61 2.79 16.78
CA PRO B 285 -16.72 2.41 17.90
C PRO B 285 -16.86 0.94 18.22
N LYS B 286 -15.75 0.23 18.33
CA LYS B 286 -15.77 -1.20 18.58
C LYS B 286 -16.71 -1.54 19.74
N GLY B 287 -17.40 -2.67 19.62
CA GLY B 287 -18.34 -3.09 20.65
C GLY B 287 -19.73 -2.50 20.43
N SER B 288 -20.22 -2.63 19.20
CA SER B 288 -21.56 -2.16 18.86
C SER B 288 -22.11 -2.89 17.64
N SER B 289 -23.17 -3.66 17.83
CA SER B 289 -23.85 -4.34 16.74
C SER B 289 -25.36 -4.20 16.90
N VAL B 290 -26.10 -4.75 15.95
CA VAL B 290 -27.56 -4.63 15.96
C VAL B 290 -28.24 -5.92 15.56
N ILE B 291 -29.29 -6.28 16.30
CA ILE B 291 -30.13 -7.43 15.94
C ILE B 291 -31.51 -6.93 15.53
N MET B 292 -32.01 -7.42 14.40
CA MET B 292 -33.26 -6.93 13.84
C MET B 292 -34.33 -8.03 13.75
N TYR B 293 -35.59 -7.62 13.74
CA TYR B 293 -36.72 -8.54 13.64
C TYR B 293 -37.74 -8.05 12.62
N ARG B 294 -38.73 -8.89 12.33
CA ARG B 294 -39.80 -8.53 11.40
C ARG B 294 -41.00 -7.97 12.17
N ASN B 295 -41.08 -8.31 13.46
CA ASN B 295 -42.13 -7.79 14.33
C ASN B 295 -41.70 -7.79 15.79
N SER B 296 -42.41 -7.03 16.62
CA SER B 296 -42.04 -6.85 18.02
C SER B 296 -42.22 -8.10 18.87
N ASP B 297 -43.22 -8.91 18.55
CA ASP B 297 -43.52 -10.11 19.34
C ASP B 297 -42.36 -11.11 19.35
N LEU B 298 -41.40 -10.90 18.46
CA LEU B 298 -40.20 -11.74 18.40
C LEU B 298 -39.16 -11.32 19.44
N ARG B 299 -38.68 -10.09 19.33
CA ARG B 299 -37.72 -9.54 20.29
C ARG B 299 -38.27 -9.64 21.70
N MET B 300 -39.59 -9.69 21.82
CA MET B 300 -40.25 -9.86 23.11
C MET B 300 -39.63 -11.02 23.90
N HIS B 301 -39.21 -12.05 23.18
CA HIS B 301 -38.69 -13.26 23.80
C HIS B 301 -37.20 -13.16 24.12
N GLN B 302 -36.55 -12.11 23.63
CA GLN B 302 -35.13 -11.91 23.90
C GLN B 302 -34.93 -11.08 25.17
N TYR B 303 -36.00 -10.40 25.61
CA TYR B 303 -35.93 -9.57 26.80
C TYR B 303 -35.89 -10.42 28.07
N TYR B 304 -35.52 -9.78 29.17
CA TYR B 304 -35.62 -10.41 30.49
C TYR B 304 -36.53 -9.60 31.40
N VAL B 305 -37.47 -10.26 32.05
CA VAL B 305 -38.41 -9.59 32.94
C VAL B 305 -38.47 -10.24 34.32
N ASN B 306 -38.32 -9.42 35.35
CA ASN B 306 -38.38 -9.89 36.73
C ASN B 306 -38.95 -8.84 37.67
N PRO B 307 -40.29 -8.75 37.74
CA PRO B 307 -40.97 -7.81 38.63
C PRO B 307 -40.82 -8.22 40.09
N ALA B 308 -40.68 -9.53 40.32
CA ALA B 308 -40.64 -10.09 41.67
C ALA B 308 -39.40 -9.65 42.45
N TRP B 309 -38.37 -9.21 41.74
CA TRP B 309 -37.12 -8.81 42.37
C TRP B 309 -37.36 -7.68 43.38
N THR B 310 -36.72 -7.79 44.55
CA THR B 310 -36.95 -6.85 45.64
C THR B 310 -36.29 -5.50 45.39
N GLY B 311 -35.16 -5.51 44.69
CA GLY B 311 -34.45 -4.27 44.40
C GLY B 311 -35.23 -3.34 43.50
N GLY B 312 -36.40 -3.79 43.06
CA GLY B 312 -37.25 -3.01 42.18
C GLY B 312 -38.01 -3.90 41.21
N LEU B 313 -37.72 -3.75 39.93
CA LEU B 313 -38.32 -4.58 38.89
C LEU B 313 -37.51 -4.50 37.60
N TYR B 314 -36.50 -5.35 37.51
CA TYR B 314 -35.56 -5.31 36.39
C TYR B 314 -36.24 -5.56 35.05
N GLY B 315 -35.55 -5.20 33.97
CA GLY B 315 -36.05 -5.40 32.63
C GLY B 315 -34.98 -5.11 31.61
N SER B 316 -34.02 -6.03 31.48
CA SER B 316 -32.92 -5.86 30.54
C SER B 316 -33.36 -6.19 29.12
N PRO B 317 -33.30 -5.18 28.22
CA PRO B 317 -33.61 -5.38 26.80
C PRO B 317 -32.65 -6.38 26.18
N THR B 318 -31.45 -6.46 26.74
CA THR B 318 -30.43 -7.38 26.26
C THR B 318 -30.05 -8.35 27.37
N LEU B 319 -28.74 -8.60 27.51
CA LEU B 319 -28.24 -9.50 28.53
C LEU B 319 -27.36 -8.74 29.51
N ALA B 320 -27.27 -7.43 29.31
CA ALA B 320 -26.40 -6.60 30.12
C ALA B 320 -27.18 -5.69 31.06
N GLY B 321 -26.57 -5.36 32.19
CA GLY B 321 -27.14 -4.40 33.10
C GLY B 321 -26.82 -2.99 32.62
N SER B 322 -25.82 -2.37 33.25
CA SER B 322 -25.37 -1.05 32.82
C SER B 322 -24.72 -1.16 31.44
N ARG B 323 -24.94 -0.15 30.61
CA ARG B 323 -24.41 -0.16 29.26
C ARG B 323 -23.67 1.14 28.89
N PRO B 324 -22.57 1.03 28.14
CA PRO B 324 -21.76 2.18 27.72
C PRO B 324 -22.50 3.06 26.73
N GLY B 325 -23.14 4.11 27.24
CA GLY B 325 -23.88 5.01 26.39
C GLY B 325 -23.02 5.64 25.32
N ALA B 326 -21.83 6.09 25.71
CA ALA B 326 -20.90 6.75 24.79
C ALA B 326 -20.71 5.96 23.49
N ILE B 327 -20.54 4.65 23.62
CA ILE B 327 -20.29 3.79 22.47
C ILE B 327 -21.36 3.91 21.38
N VAL B 328 -22.62 3.82 21.78
CA VAL B 328 -23.72 3.89 20.83
C VAL B 328 -23.83 5.29 20.23
N VAL B 329 -23.43 6.29 21.01
CA VAL B 329 -23.45 7.67 20.53
C VAL B 329 -22.38 7.85 19.46
N GLY B 330 -21.22 7.23 19.68
CA GLY B 330 -20.15 7.26 18.70
C GLY B 330 -20.55 6.54 17.44
N CYS B 331 -21.37 5.50 17.60
CA CYS B 331 -21.90 4.76 16.47
C CYS B 331 -22.90 5.61 15.69
N TRP B 332 -23.72 6.35 16.41
CA TRP B 332 -24.73 7.22 15.80
C TRP B 332 -24.07 8.34 14.99
N ALA B 333 -22.97 8.86 15.50
CA ALA B 333 -22.27 9.99 14.88
C ALA B 333 -21.57 9.59 13.58
N THR B 334 -21.07 8.37 13.51
CA THR B 334 -20.36 7.90 12.33
C THR B 334 -21.32 7.67 11.17
N MET B 335 -22.50 7.13 11.47
CA MET B 335 -23.48 6.82 10.43
C MET B 335 -24.02 8.08 9.77
N VAL B 336 -24.00 9.18 10.53
CA VAL B 336 -24.47 10.46 10.01
C VAL B 336 -23.37 11.15 9.23
N ASN B 337 -22.15 11.09 9.78
CA ASN B 337 -20.99 11.68 9.12
C ASN B 337 -20.67 10.98 7.81
N MET B 338 -21.07 9.71 7.71
CA MET B 338 -20.85 8.93 6.51
C MET B 338 -22.00 9.08 5.52
N GLY B 339 -23.23 9.04 6.03
CA GLY B 339 -24.40 9.10 5.19
C GLY B 339 -24.45 7.89 4.27
N GLU B 340 -25.42 7.87 3.36
CA GLU B 340 -25.55 6.76 2.42
C GLU B 340 -24.49 6.84 1.33
N ASN B 341 -23.96 8.04 1.10
CA ASN B 341 -22.93 8.25 0.10
C ASN B 341 -21.56 7.76 0.58
N GLY B 342 -21.36 7.75 1.89
CA GLY B 342 -20.10 7.34 2.46
C GLY B 342 -19.85 5.85 2.36
N TYR B 343 -20.89 5.06 2.63
CA TYR B 343 -20.76 3.60 2.61
C TYR B 343 -20.80 3.04 1.20
N ILE B 344 -21.02 3.92 0.22
CA ILE B 344 -20.92 3.55 -1.18
C ILE B 344 -19.47 3.70 -1.61
N GLU B 345 -18.92 4.89 -1.44
CA GLU B 345 -17.50 5.11 -1.69
C GLU B 345 -16.67 4.19 -0.80
N SER B 346 -17.32 3.60 0.20
CA SER B 346 -16.70 2.63 1.08
C SER B 346 -16.78 1.24 0.45
N CYS B 347 -17.99 0.83 0.08
CA CYS B 347 -18.21 -0.47 -0.52
C CYS B 347 -17.45 -0.59 -1.83
N GLN B 348 -17.56 0.43 -2.67
CA GLN B 348 -16.88 0.44 -3.96
C GLN B 348 -15.37 0.26 -3.79
N GLU B 349 -14.82 0.90 -2.76
CA GLU B 349 -13.38 0.81 -2.49
C GLU B 349 -12.99 -0.55 -1.92
N ILE B 350 -13.65 -0.95 -0.84
CA ILE B 350 -13.34 -2.20 -0.17
C ILE B 350 -13.55 -3.40 -1.08
N VAL B 351 -14.75 -3.54 -1.61
CA VAL B 351 -15.07 -4.63 -2.52
C VAL B 351 -14.23 -4.54 -3.78
N GLY B 352 -13.96 -3.32 -4.22
CA GLY B 352 -13.13 -3.09 -5.39
C GLY B 352 -11.77 -3.74 -5.23
N ALA B 353 -11.17 -3.57 -4.06
CA ALA B 353 -9.87 -4.15 -3.76
C ALA B 353 -9.97 -5.67 -3.63
N ALA B 354 -11.02 -6.14 -2.97
CA ALA B 354 -11.22 -7.57 -2.75
C ALA B 354 -11.32 -8.33 -4.06
N MET B 355 -11.94 -7.70 -5.06
CA MET B 355 -12.10 -8.33 -6.38
C MET B 355 -10.80 -8.28 -7.16
N LYS B 356 -10.11 -7.14 -7.10
CA LYS B 356 -8.80 -6.99 -7.72
C LYS B 356 -7.84 -8.02 -7.16
N PHE B 357 -7.95 -8.26 -5.86
CA PHE B 357 -7.17 -9.27 -5.14
C PHE B 357 -7.48 -10.65 -5.72
N LYS B 358 -8.75 -10.99 -5.76
CA LYS B 358 -9.21 -12.27 -6.29
C LYS B 358 -8.72 -12.52 -7.71
N LYS B 359 -8.85 -11.52 -8.57
CA LYS B 359 -8.44 -11.65 -9.96
C LYS B 359 -6.95 -11.90 -10.07
N TYR B 360 -6.16 -11.22 -9.25
CA TYR B 360 -4.72 -11.34 -9.30
C TYR B 360 -4.22 -12.72 -8.86
N ILE B 361 -4.92 -13.35 -7.93
CA ILE B 361 -4.55 -14.68 -7.48
C ILE B 361 -5.15 -15.76 -8.36
N GLN B 362 -5.91 -15.34 -9.36
CA GLN B 362 -6.41 -16.26 -10.38
C GLN B 362 -5.52 -16.16 -11.62
N GLU B 363 -5.38 -14.94 -12.13
CA GLU B 363 -4.49 -14.68 -13.26
C GLU B 363 -3.07 -15.03 -12.87
N ASN B 364 -2.53 -14.32 -11.88
CA ASN B 364 -1.23 -14.65 -11.31
C ASN B 364 -1.40 -15.63 -10.16
N ILE B 365 -0.28 -16.05 -9.57
CA ILE B 365 -0.32 -16.98 -8.44
C ILE B 365 -1.23 -18.16 -8.74
N PRO B 366 -0.85 -18.99 -9.73
CA PRO B 366 -1.68 -20.11 -10.19
C PRO B 366 -1.76 -21.24 -9.16
N ASP B 367 -1.00 -21.14 -8.08
CA ASP B 367 -0.94 -22.23 -7.10
C ASP B 367 -2.05 -22.15 -6.06
N LEU B 368 -2.84 -21.08 -6.10
CA LEU B 368 -3.91 -20.89 -5.12
C LEU B 368 -5.28 -21.19 -5.70
N ASP B 369 -6.23 -21.55 -4.84
CA ASP B 369 -7.57 -21.91 -5.24
C ASP B 369 -8.63 -21.13 -4.47
N ILE B 370 -9.31 -20.21 -5.15
CA ILE B 370 -10.39 -19.44 -4.53
C ILE B 370 -11.49 -20.36 -4.00
N MET B 371 -12.01 -20.05 -2.82
CA MET B 371 -13.09 -20.82 -2.22
C MET B 371 -14.45 -20.30 -2.67
N GLY B 372 -15.11 -21.05 -3.54
CA GLY B 372 -16.40 -20.64 -4.07
C GLY B 372 -16.29 -19.41 -4.94
N ASN B 373 -17.27 -18.52 -4.82
CA ASN B 373 -17.24 -17.27 -5.57
C ASN B 373 -17.51 -16.07 -4.67
N PRO B 374 -16.50 -15.68 -3.88
CA PRO B 374 -16.61 -14.51 -2.99
C PRO B 374 -17.06 -13.28 -3.76
N ARG B 375 -18.27 -12.83 -3.50
CA ARG B 375 -18.85 -11.69 -4.21
C ARG B 375 -18.57 -10.39 -3.47
N TYR B 376 -17.99 -10.50 -2.28
CA TYR B 376 -17.89 -9.35 -1.38
C TYR B 376 -16.46 -8.99 -0.99
N SER B 377 -16.31 -8.47 0.23
CA SER B 377 -15.03 -7.92 0.69
C SER B 377 -14.11 -8.96 1.31
N VAL B 378 -14.65 -10.13 1.60
CA VAL B 378 -13.84 -11.21 2.18
C VAL B 378 -13.44 -12.20 1.10
N ILE B 379 -12.16 -12.56 1.08
CA ILE B 379 -11.63 -13.46 0.07
C ILE B 379 -10.90 -14.64 0.70
N SER B 380 -11.37 -15.85 0.40
CA SER B 380 -10.76 -17.06 0.93
C SER B 380 -10.16 -17.91 -0.19
N PHE B 381 -9.19 -18.74 0.16
CA PHE B 381 -8.50 -19.58 -0.82
C PHE B 381 -7.73 -20.71 -0.14
N SER B 382 -7.36 -21.71 -0.93
CA SER B 382 -6.62 -22.86 -0.42
C SER B 382 -5.62 -23.36 -1.47
N SER B 383 -4.99 -24.49 -1.18
CA SER B 383 -4.05 -25.10 -2.12
C SER B 383 -3.61 -26.47 -1.66
N LYS B 384 -3.52 -27.40 -2.61
CA LYS B 384 -3.06 -28.76 -2.33
C LYS B 384 -1.61 -28.91 -2.75
N THR B 385 -1.15 -27.99 -3.58
CA THR B 385 0.24 -27.98 -4.03
C THR B 385 1.17 -27.55 -2.91
N LEU B 386 0.71 -26.60 -2.09
CA LEU B 386 1.51 -26.07 -1.00
C LEU B 386 0.88 -26.38 0.35
N ASN B 387 1.70 -26.43 1.39
CA ASN B 387 1.22 -26.61 2.75
C ASN B 387 0.73 -25.28 3.32
N ILE B 388 -0.55 -25.01 3.17
CA ILE B 388 -1.14 -23.74 3.60
C ILE B 388 -0.75 -23.36 5.03
N HIS B 389 -0.65 -24.36 5.90
CA HIS B 389 -0.27 -24.11 7.28
C HIS B 389 1.09 -23.42 7.36
N GLU B 390 2.08 -23.98 6.67
CA GLU B 390 3.42 -23.40 6.66
C GLU B 390 3.43 -22.04 5.96
N LEU B 391 2.68 -21.94 4.87
CA LEU B 391 2.57 -20.70 4.12
C LEU B 391 2.10 -19.56 5.03
N SER B 392 1.08 -19.85 5.84
CA SER B 392 0.56 -18.87 6.77
C SER B 392 1.67 -18.36 7.69
N ASP B 393 2.51 -19.28 8.14
CA ASP B 393 3.62 -18.94 9.03
C ASP B 393 4.64 -18.09 8.29
N ARG B 394 4.87 -18.41 7.02
CA ARG B 394 5.79 -17.64 6.19
C ARG B 394 5.33 -16.20 6.07
N LEU B 395 4.01 -16.01 6.06
CA LEU B 395 3.42 -14.69 5.97
C LEU B 395 3.49 -13.96 7.32
N SER B 396 3.03 -14.62 8.37
CA SER B 396 3.03 -14.05 9.70
C SER B 396 4.44 -13.67 10.15
N LYS B 397 5.43 -14.38 9.60
CA LYS B 397 6.83 -14.07 9.88
C LYS B 397 7.22 -12.78 9.17
N LYS B 398 6.51 -12.45 8.11
CA LYS B 398 6.74 -11.21 7.37
C LYS B 398 5.84 -10.10 7.89
N GLY B 399 5.09 -10.38 8.95
CA GLY B 399 4.25 -9.38 9.58
C GLY B 399 2.84 -9.31 9.04
N TRP B 400 2.55 -10.12 8.03
CA TRP B 400 1.22 -10.16 7.43
C TRP B 400 0.41 -11.31 8.02
N HIS B 401 -0.74 -10.98 8.61
CA HIS B 401 -1.56 -11.97 9.28
C HIS B 401 -2.89 -12.25 8.58
N PHE B 402 -3.01 -13.45 8.02
CA PHE B 402 -4.26 -13.93 7.45
C PHE B 402 -4.93 -14.84 8.45
N ASN B 403 -6.25 -14.83 8.50
CA ASN B 403 -6.98 -15.69 9.43
C ASN B 403 -6.85 -17.16 9.03
N ALA B 404 -6.21 -17.94 9.89
CA ALA B 404 -6.05 -19.37 9.65
C ALA B 404 -7.38 -20.10 9.83
N LEU B 405 -7.73 -20.90 8.83
CA LEU B 405 -8.99 -21.63 8.86
C LEU B 405 -8.75 -23.14 8.94
N GLN B 406 -9.83 -23.90 9.10
CA GLN B 406 -9.75 -25.35 9.15
C GLN B 406 -11.01 -25.98 8.56
N LYS B 407 -10.90 -27.23 8.16
CA LYS B 407 -12.03 -27.99 7.62
C LYS B 407 -12.80 -27.20 6.55
N PRO B 408 -12.19 -27.03 5.36
CA PRO B 408 -10.84 -27.47 5.00
C PRO B 408 -9.78 -26.48 5.46
N VAL B 409 -8.55 -26.96 5.65
CA VAL B 409 -7.45 -26.09 6.05
C VAL B 409 -7.18 -25.04 4.99
N ALA B 410 -7.43 -23.78 5.32
CA ALA B 410 -7.22 -22.68 4.40
C ALA B 410 -6.89 -21.39 5.14
N LEU B 411 -7.17 -20.26 4.50
CA LEU B 411 -6.93 -18.94 5.08
C LEU B 411 -7.54 -17.86 4.21
N HIS B 412 -7.93 -16.73 4.81
CA HIS B 412 -8.56 -15.66 4.06
C HIS B 412 -8.10 -14.27 4.49
N MET B 413 -8.59 -13.26 3.78
CA MET B 413 -8.27 -11.87 4.08
C MET B 413 -9.53 -11.01 4.04
N ALA B 414 -9.98 -10.59 5.22
CA ALA B 414 -11.10 -9.67 5.31
C ALA B 414 -10.62 -8.25 5.03
N PHE B 415 -11.05 -7.70 3.91
CA PHE B 415 -10.58 -6.38 3.48
C PHE B 415 -11.17 -5.23 4.26
N THR B 416 -10.30 -4.42 4.84
CA THR B 416 -10.70 -3.21 5.54
C THR B 416 -10.19 -2.00 4.77
N ARG B 417 -10.55 -0.80 5.22
CA ARG B 417 -10.11 0.42 4.55
C ARG B 417 -8.59 0.46 4.49
N LEU B 418 -7.96 -0.06 5.55
CA LEU B 418 -6.51 -0.07 5.65
C LEU B 418 -5.89 -1.06 4.68
N SER B 419 -6.40 -2.29 4.67
CA SER B 419 -5.91 -3.32 3.77
C SER B 419 -6.43 -3.10 2.36
N ALA B 420 -7.24 -2.06 2.19
CA ALA B 420 -7.79 -1.70 0.88
C ALA B 420 -6.71 -1.11 -0.01
N HIS B 421 -5.47 -1.13 0.48
CA HIS B 421 -4.31 -0.76 -0.33
C HIS B 421 -3.60 -2.04 -0.73
N VAL B 422 -4.26 -2.78 -1.61
CA VAL B 422 -3.95 -4.18 -1.89
C VAL B 422 -2.78 -4.39 -2.84
N VAL B 423 -2.58 -3.44 -3.75
CA VAL B 423 -1.52 -3.56 -4.74
C VAL B 423 -0.22 -4.10 -4.15
N ASP B 424 0.03 -3.79 -2.88
CA ASP B 424 1.24 -4.24 -2.21
C ASP B 424 1.21 -5.74 -1.89
N GLU B 425 0.25 -6.14 -1.07
CA GLU B 425 0.23 -7.51 -0.56
C GLU B 425 -0.21 -8.57 -1.57
N ILE B 426 -0.53 -8.15 -2.80
CA ILE B 426 -0.74 -9.11 -3.87
C ILE B 426 0.60 -9.60 -4.39
N CYS B 427 1.53 -8.67 -4.56
CA CYS B 427 2.88 -9.02 -4.98
C CYS B 427 3.63 -9.65 -3.82
N ASP B 428 3.16 -9.37 -2.61
CA ASP B 428 3.76 -9.93 -1.41
C ASP B 428 3.47 -11.42 -1.29
N ILE B 429 2.21 -11.79 -1.49
CA ILE B 429 1.79 -13.19 -1.37
C ILE B 429 2.36 -14.04 -2.50
N LEU B 430 2.46 -13.46 -3.69
CA LEU B 430 3.07 -14.17 -4.82
C LEU B 430 4.51 -14.49 -4.47
N ARG B 431 5.24 -13.48 -3.99
CA ARG B 431 6.63 -13.68 -3.56
C ARG B 431 6.72 -14.82 -2.56
N THR B 432 5.86 -14.79 -1.55
CA THR B 432 5.88 -15.79 -0.49
C THR B 432 5.58 -17.19 -1.04
N THR B 433 4.69 -17.26 -2.01
CA THR B 433 4.36 -18.53 -2.65
C THR B 433 5.53 -18.99 -3.51
N VAL B 434 6.20 -18.04 -4.16
CA VAL B 434 7.42 -18.32 -4.90
C VAL B 434 8.48 -18.90 -3.98
N GLN B 435 8.51 -18.42 -2.74
CA GLN B 435 9.49 -18.87 -1.75
C GLN B 435 9.13 -20.25 -1.21
N GLU B 436 7.85 -20.61 -1.30
CA GLU B 436 7.39 -21.92 -0.86
C GLU B 436 7.84 -23.03 -1.80
N LEU B 437 7.35 -22.98 -3.05
CA LEU B 437 7.67 -24.01 -4.03
C LEU B 437 9.17 -24.11 -4.30
N LYS B 438 9.92 -23.07 -3.91
CA LYS B 438 11.36 -23.09 -4.05
C LYS B 438 12.01 -23.59 -2.76
N SER B 439 11.48 -24.68 -2.23
CA SER B 439 12.01 -25.28 -1.00
C SER B 439 11.84 -26.79 -1.04
N GLU B 440 12.97 -27.51 -1.09
CA GLU B 440 12.96 -28.96 -1.16
C GLU B 440 12.55 -29.58 0.17
N ASP B 467 -8.65 -29.68 23.37
CA ASP B 467 -9.54 -28.85 24.18
C ASP B 467 -8.79 -28.21 25.34
N LYS B 468 -7.87 -28.96 25.92
CA LYS B 468 -7.15 -28.52 27.11
C LYS B 468 -6.13 -27.42 26.80
N LEU B 469 -5.80 -27.26 25.53
CA LEU B 469 -4.76 -26.31 25.13
C LEU B 469 -5.32 -24.88 25.01
N ILE B 470 -6.55 -24.76 24.53
CA ILE B 470 -7.17 -23.46 24.34
C ILE B 470 -7.27 -22.68 25.64
N VAL B 471 -7.61 -23.38 26.72
CA VAL B 471 -7.75 -22.75 28.03
C VAL B 471 -6.44 -22.11 28.48
N GLY B 472 -5.33 -22.67 28.01
CA GLY B 472 -4.02 -22.20 28.40
C GLY B 472 -3.73 -20.76 27.99
N PHE B 473 -3.96 -20.45 26.72
CA PHE B 473 -3.70 -19.11 26.21
C PHE B 473 -4.79 -18.12 26.58
N LEU B 474 -5.83 -18.59 27.25
CA LEU B 474 -6.86 -17.72 27.81
C LEU B 474 -6.44 -17.24 29.18
N ASP B 475 -5.85 -18.13 29.96
CA ASP B 475 -5.35 -17.78 31.28
C ASP B 475 -4.12 -16.89 31.16
N ALA B 476 -3.44 -16.98 30.01
CA ALA B 476 -2.21 -16.24 29.78
C ALA B 476 -2.48 -14.78 29.44
N LEU B 477 -3.74 -14.40 29.44
CA LEU B 477 -4.12 -13.02 29.16
C LEU B 477 -4.14 -12.19 30.44
N TYR B 478 -3.69 -12.80 31.54
CA TYR B 478 -3.67 -12.14 32.83
C TYR B 478 -2.49 -12.59 33.67
N LYS B 479 -1.32 -12.00 33.42
CA LYS B 479 -0.10 -12.33 34.15
C LYS B 479 0.68 -11.07 34.53
P PO4 C . 18.04 7.46 -6.57
O1 PO4 C . 19.32 7.97 -5.96
O2 PO4 C . 17.89 8.01 -7.97
O3 PO4 C . 18.10 5.95 -6.63
O4 PO4 C . 16.86 7.89 -5.74
P PO4 D . -18.22 -10.54 16.87
O1 PO4 D . -16.81 -10.72 16.34
O2 PO4 D . -19.16 -11.44 16.10
O3 PO4 D . -18.26 -10.90 18.33
O4 PO4 D . -18.62 -9.09 16.72
P PO4 E . -12.96 -9.26 13.50
O1 PO4 E . -11.85 -9.32 12.48
O2 PO4 E . -12.45 -9.74 14.84
O3 PO4 E . -13.44 -7.85 13.64
O4 PO4 E . -14.11 -10.15 13.06
#